data_6FNS
#
_entry.id   6FNS
#
_cell.length_a   71.689
_cell.length_b   76.153
_cell.length_c   138.662
_cell.angle_alpha   90.000
_cell.angle_beta   90.000
_cell.angle_gamma   90.000
#
_symmetry.space_group_name_H-M   'P 21 21 21'
#
loop_
_entity.id
_entity.type
_entity.pdbx_description
1 polymer 'Histidine N-alpha-methyltransferase'
2 non-polymer Morpholinohistidine
3 non-polymer GLYCEROL
4 water water
#
_entity_poly.entity_id   1
_entity_poly.type   'polypeptide(L)'
_entity_poly.pdbx_seq_one_letter_code
;GHMALSLANYLAADSAAEALRRDVRAGLTATQKSLPPKWFYDAVGSDLFDQITRLPEYYPTRTEAQILRTRSAEIISAAG
ADTLVELGSGTSEKTRMLLDAMRDAELLRRFIPFDVDAGVLRSAGAAIGAEYPGIEIDAVCGDFEEHLGKIPHVGRRLVV
FLGSTIGNLTPAPRAEFLSTLADTLQPGDSLLLGTDLVKDTGRLVRAYDDAAGVTAAFNRNVLAVVNRELSADFDLDAFE
HVAKWNSDEERIEMWLRARTAQHVRVAALDLEVDFAAGEEMLTEVSCKFRPENVVAELAEAGLRQTHWWTDPAGDFGLSL
AVR
;
_entity_poly.pdbx_strand_id   A,B
#
loop_
_chem_comp.id
_chem_comp.type
_chem_comp.name
_chem_comp.formula
DY8 non-polymer Morpholinohistidine 'C10 H17 N3 O3 2'
GOL non-polymer GLYCEROL 'C3 H8 O3'
#
# COMPACT_ATOMS: atom_id res chain seq x y z
N HIS A 2 9.23 23.29 5.10
CA HIS A 2 9.47 22.42 6.29
C HIS A 2 8.28 22.48 7.26
N MET A 3 8.38 23.31 8.29
CA MET A 3 7.41 23.25 9.39
C MET A 3 6.40 24.41 9.43
N ALA A 4 6.51 25.35 8.51
CA ALA A 4 5.63 26.51 8.53
C ALA A 4 4.19 26.10 8.24
N LEU A 5 3.27 26.46 9.14
CA LEU A 5 1.92 25.96 9.06
C LEU A 5 0.93 26.69 9.97
N SER A 6 -0.32 26.76 9.53
CA SER A 6 -1.45 27.02 10.40
CA SER A 6 -1.45 27.03 10.40
C SER A 6 -2.34 25.80 10.37
N LEU A 7 -2.82 25.36 11.53
CA LEU A 7 -3.73 24.21 11.56
C LEU A 7 -4.84 24.44 12.59
N ALA A 8 -6.08 24.32 12.12
CA ALA A 8 -7.24 24.35 12.99
C ALA A 8 -7.82 22.93 13.00
N ASN A 9 -8.14 22.42 14.18
CA ASN A 9 -8.62 21.06 14.33
C ASN A 9 -9.97 20.98 15.01
N TYR A 10 -10.98 20.56 14.25
CA TYR A 10 -12.36 20.54 14.73
C TYR A 10 -12.85 19.14 15.04
N LEU A 11 -11.94 18.16 14.94
CA LEU A 11 -12.28 16.76 15.18
C LEU A 11 -11.67 16.23 16.48
N ALA A 12 -12.55 15.83 17.40
CA ALA A 12 -12.12 15.30 18.69
C ALA A 12 -12.24 13.79 18.70
N ALA A 13 -11.26 13.14 19.33
CA ALA A 13 -11.22 11.68 19.38
C ALA A 13 -12.47 11.11 20.07
N ASP A 14 -12.93 11.76 21.13
CA ASP A 14 -14.08 11.24 21.88
C ASP A 14 -15.36 11.37 21.06
N SER A 15 -15.48 12.46 20.31
CA SER A 15 -16.63 12.68 19.44
C SER A 15 -16.68 11.64 18.31
N ALA A 16 -15.52 11.30 17.77
CA ALA A 16 -15.44 10.28 16.72
C ALA A 16 -15.82 8.91 17.30
N ALA A 17 -15.37 8.62 18.51
CA ALA A 17 -15.68 7.36 19.16
C ALA A 17 -17.18 7.21 19.38
N GLU A 18 -17.82 8.30 19.81
CA GLU A 18 -19.27 8.31 20.00
C GLU A 18 -20.00 8.09 18.68
N ALA A 19 -19.52 8.72 17.61
CA ALA A 19 -20.16 8.60 16.30
C ALA A 19 -20.08 7.16 15.80
N LEU A 20 -18.96 6.50 16.04
CA LEU A 20 -18.80 5.11 15.62
C LEU A 20 -19.77 4.22 16.37
N ARG A 21 -19.87 4.42 17.67
CA ARG A 21 -20.80 3.63 18.49
C ARG A 21 -22.23 3.77 17.99
N ARG A 22 -22.64 5.00 17.71
CA ARG A 22 -23.99 5.25 17.21
C ARG A 22 -24.22 4.60 15.84
N ASP A 23 -23.27 4.76 14.94
CA ASP A 23 -23.41 4.25 13.58
C ASP A 23 -23.47 2.73 13.56
N VAL A 24 -22.64 2.09 14.37
CA VAL A 24 -22.57 0.64 14.38
C VAL A 24 -23.82 0.07 15.03
N ARG A 25 -24.30 0.69 16.11
CA ARG A 25 -25.51 0.22 16.77
C ARG A 25 -26.69 0.29 15.80
N ALA A 26 -26.86 1.44 15.16
CA ALA A 26 -27.97 1.64 14.24
C ALA A 26 -27.86 0.70 13.06
N GLY A 27 -26.64 0.57 12.54
CA GLY A 27 -26.41 -0.18 11.32
C GLY A 27 -26.57 -1.68 11.49
N LEU A 28 -26.15 -2.21 12.63
CA LEU A 28 -26.19 -3.65 12.86
C LEU A 28 -27.53 -4.14 13.41
N THR A 29 -28.34 -3.23 13.97
CA THR A 29 -29.64 -3.62 14.51
C THR A 29 -30.78 -3.38 13.50
N ALA A 30 -30.47 -2.74 12.38
CA ALA A 30 -31.45 -2.54 11.32
C ALA A 30 -31.76 -3.88 10.65
N THR A 31 -33.00 -4.05 10.18
CA THR A 31 -33.39 -5.27 9.53
C THR A 31 -32.53 -5.53 8.30
N GLN A 32 -32.34 -4.48 7.51
CA GLN A 32 -31.31 -4.47 6.49
C GLN A 32 -30.05 -3.85 7.09
N LYS A 33 -29.07 -4.68 7.42
CA LYS A 33 -27.84 -4.21 8.04
C LYS A 33 -27.02 -3.36 7.09
N SER A 34 -26.32 -2.38 7.65
CA SER A 34 -25.40 -1.56 6.90
C SER A 34 -24.35 -0.94 7.80
N LEU A 35 -23.25 -0.49 7.20
CA LEU A 35 -22.24 0.30 7.91
C LEU A 35 -21.81 1.48 7.04
N PRO A 36 -21.59 2.66 7.65
CA PRO A 36 -21.16 3.82 6.86
C PRO A 36 -19.72 3.68 6.37
N PRO A 37 -19.45 4.05 5.10
CA PRO A 37 -18.12 3.85 4.54
C PRO A 37 -17.05 4.80 5.10
N LYS A 38 -17.45 5.85 5.80
CA LYS A 38 -16.46 6.77 6.38
C LYS A 38 -15.51 6.01 7.29
N TRP A 39 -15.98 4.89 7.84
CA TRP A 39 -15.17 4.15 8.80
C TRP A 39 -14.18 3.20 8.11
N PHE A 40 -14.20 3.16 6.78
CA PHE A 40 -13.18 2.44 6.01
C PHE A 40 -11.79 2.99 6.26
N TYR A 41 -11.71 4.29 6.53
CA TYR A 41 -10.46 5.00 6.35
C TYR A 41 -9.66 5.19 7.65
N ASP A 42 -9.41 4.10 8.37
CA ASP A 42 -8.37 4.14 9.39
C ASP A 42 -7.05 4.06 8.65
N ALA A 43 -5.94 3.96 9.37
CA ALA A 43 -4.63 3.96 8.72
C ALA A 43 -4.51 2.83 7.70
N VAL A 44 -4.92 1.63 8.08
CA VAL A 44 -4.83 0.47 7.20
C VAL A 44 -5.74 0.63 5.98
N GLY A 45 -6.97 1.06 6.21
CA GLY A 45 -7.93 1.21 5.12
C GLY A 45 -7.56 2.31 4.15
N SER A 46 -6.95 3.38 4.66
CA SER A 46 -6.47 4.46 3.80
C SER A 46 -5.35 3.99 2.89
N ASP A 47 -4.46 3.16 3.42
CA ASP A 47 -3.37 2.59 2.63
C ASP A 47 -3.91 1.62 1.58
N LEU A 48 -4.94 0.87 1.96
CA LEU A 48 -5.59 -0.01 0.99
C LEU A 48 -6.26 0.79 -0.13
N PHE A 49 -6.90 1.91 0.21
CA PHE A 49 -7.53 2.72 -0.83
C PHE A 49 -6.45 3.28 -1.76
N ASP A 50 -5.32 3.69 -1.19
CA ASP A 50 -4.21 4.18 -1.99
C ASP A 50 -3.81 3.15 -3.05
N GLN A 51 -3.75 1.88 -2.64
CA GLN A 51 -3.41 0.80 -3.55
C GLN A 51 -4.51 0.61 -4.59
N ILE A 52 -5.76 0.77 -4.17
CA ILE A 52 -6.88 0.65 -5.10
C ILE A 52 -6.72 1.62 -6.26
N THR A 53 -6.21 2.82 -6.00
CA THR A 53 -6.09 3.83 -7.06
C THR A 53 -5.11 3.43 -8.16
N ARG A 54 -4.32 2.40 -7.92
CA ARG A 54 -3.34 1.92 -8.90
C ARG A 54 -3.72 0.58 -9.53
N LEU A 55 -4.87 0.03 -9.16
CA LEU A 55 -5.32 -1.23 -9.74
C LEU A 55 -5.71 -1.04 -11.20
N PRO A 56 -5.42 -2.05 -12.05
CA PRO A 56 -5.78 -1.93 -13.47
C PRO A 56 -7.28 -1.70 -13.67
N GLU A 57 -8.10 -2.35 -12.85
CA GLU A 57 -9.55 -2.25 -12.98
C GLU A 57 -10.12 -0.90 -12.53
N TYR A 58 -9.43 -0.22 -11.61
CA TYR A 58 -9.95 1.01 -11.03
C TYR A 58 -9.50 2.22 -11.84
N TYR A 59 -10.23 2.49 -12.90
CA TYR A 59 -9.92 3.58 -13.84
C TYR A 59 -10.08 5.02 -13.30
N PRO A 60 -10.94 5.24 -12.26
CA PRO A 60 -11.24 6.64 -11.92
C PRO A 60 -10.04 7.56 -11.64
N THR A 61 -9.10 7.13 -10.81
CA THR A 61 -8.00 8.00 -10.43
C THR A 61 -7.15 8.41 -11.64
N ARG A 62 -6.68 7.44 -12.40
CA ARG A 62 -5.80 7.74 -13.54
C ARG A 62 -6.55 8.48 -14.64
N THR A 63 -7.85 8.26 -14.76
CA THR A 63 -8.65 8.96 -15.76
C THR A 63 -8.78 10.44 -15.39
N GLU A 64 -9.11 10.71 -14.14
CA GLU A 64 -9.21 12.08 -13.66
C GLU A 64 -7.85 12.79 -13.77
N ALA A 65 -6.79 12.05 -13.46
CA ALA A 65 -5.44 12.60 -13.48
C ALA A 65 -5.03 13.00 -14.90
N GLN A 66 -5.46 12.22 -15.87
CA GLN A 66 -5.12 12.50 -17.27
C GLN A 66 -5.86 13.74 -17.77
N ILE A 67 -7.09 13.93 -17.31
CA ILE A 67 -7.84 15.15 -17.63
C ILE A 67 -7.10 16.35 -17.05
N LEU A 68 -6.71 16.25 -15.79
CA LEU A 68 -5.97 17.35 -15.15
C LEU A 68 -4.63 17.57 -15.82
N ARG A 69 -3.96 16.49 -16.21
CA ARG A 69 -2.65 16.58 -16.85
C ARG A 69 -2.71 17.41 -18.15
N THR A 70 -3.78 17.25 -18.90
CA THR A 70 -3.88 17.89 -20.21
C THR A 70 -4.65 19.21 -20.19
N ARG A 71 -5.37 19.51 -19.11
CA ARG A 71 -6.21 20.69 -19.05
C ARG A 71 -6.01 21.59 -17.82
N SER A 72 -5.00 21.31 -16.98
CA SER A 72 -4.77 22.07 -15.77
CA SER A 72 -4.82 22.08 -15.76
C SER A 72 -4.60 23.57 -16.05
N ALA A 73 -3.88 23.88 -17.13
CA ALA A 73 -3.64 25.28 -17.47
C ALA A 73 -4.96 26.02 -17.74
N GLU A 74 -5.86 25.36 -18.45
CA GLU A 74 -7.16 25.93 -18.80
C GLU A 74 -8.03 26.09 -17.55
N ILE A 75 -8.00 25.10 -16.68
CA ILE A 75 -8.77 25.13 -15.44
C ILE A 75 -8.36 26.33 -14.58
N ILE A 76 -7.06 26.50 -14.40
CA ILE A 76 -6.52 27.57 -13.58
C ILE A 76 -6.80 28.93 -14.21
N SER A 77 -6.66 29.04 -15.52
CA SER A 77 -6.99 30.28 -16.22
C SER A 77 -8.47 30.65 -16.03
N ALA A 78 -9.36 29.66 -16.17
CA ALA A 78 -10.79 29.91 -16.01
C ALA A 78 -11.14 30.31 -14.57
N ALA A 79 -10.47 29.69 -13.61
CA ALA A 79 -10.74 29.96 -12.20
C ALA A 79 -10.17 31.31 -11.78
N GLY A 80 -8.94 31.61 -12.21
CA GLY A 80 -8.28 32.85 -11.83
C GLY A 80 -8.05 32.96 -10.34
N ALA A 81 -7.98 31.81 -9.67
CA ALA A 81 -7.82 31.77 -8.22
C ALA A 81 -6.36 31.88 -7.80
N ASP A 82 -6.12 32.45 -6.63
CA ASP A 82 -4.77 32.49 -6.06
C ASP A 82 -4.65 31.54 -4.88
N THR A 83 -5.78 30.93 -4.51
CA THR A 83 -5.87 30.06 -3.34
C THR A 83 -6.52 28.74 -3.73
N LEU A 84 -5.82 27.63 -3.47
CA LEU A 84 -6.35 26.30 -3.73
C LEU A 84 -6.85 25.66 -2.43
N VAL A 85 -8.15 25.39 -2.38
CA VAL A 85 -8.74 24.66 -1.28
C VAL A 85 -8.98 23.23 -1.73
N GLU A 86 -8.33 22.27 -1.05
CA GLU A 86 -8.53 20.87 -1.37
C GLU A 86 -9.35 20.17 -0.30
N LEU A 87 -10.55 19.75 -0.69
CA LEU A 87 -11.37 18.92 0.17
C LEU A 87 -10.84 17.51 0.04
N GLY A 88 -9.86 17.20 0.87
CA GLY A 88 -9.07 15.99 0.74
C GLY A 88 -7.65 16.21 1.25
N SER A 89 -6.80 15.22 1.04
CA SER A 89 -5.51 15.13 1.72
C SER A 89 -4.48 16.20 1.35
N GLY A 90 -4.33 16.47 0.06
CA GLY A 90 -3.26 17.34 -0.41
C GLY A 90 -2.01 16.54 -0.75
N THR A 91 -2.19 15.24 -0.89
CA THR A 91 -1.06 14.31 -0.98
C THR A 91 -0.83 13.74 -2.38
N SER A 92 -1.73 14.03 -3.31
CA SER A 92 -1.69 13.37 -4.61
C SER A 92 -0.97 14.19 -5.67
N GLU A 93 -0.68 13.56 -6.80
CA GLU A 93 -0.06 14.28 -7.90
C GLU A 93 -1.07 15.24 -8.53
N LYS A 94 -2.36 14.93 -8.39
CA LYS A 94 -3.43 15.81 -8.91
C LYS A 94 -3.34 17.20 -8.29
N THR A 95 -3.08 17.24 -6.98
CA THR A 95 -2.92 18.50 -6.26
C THR A 95 -1.78 19.30 -6.87
N ARG A 96 -0.68 18.61 -7.17
CA ARG A 96 0.51 19.27 -7.67
C ARG A 96 0.31 19.77 -9.11
N MET A 97 -0.48 19.05 -9.90
CA MET A 97 -0.81 19.50 -11.24
C MET A 97 -1.51 20.85 -11.19
N LEU A 98 -2.44 21.00 -10.26
CA LEU A 98 -3.16 22.25 -10.09
C LEU A 98 -2.27 23.35 -9.52
N LEU A 99 -1.50 23.02 -8.48
CA LEU A 99 -0.58 23.98 -7.89
C LEU A 99 0.49 24.44 -8.89
N ASP A 100 1.02 23.49 -9.67
CA ASP A 100 2.00 23.82 -10.72
C ASP A 100 1.42 24.82 -11.71
N ALA A 101 0.19 24.57 -12.14
CA ALA A 101 -0.46 25.44 -13.11
C ALA A 101 -0.70 26.82 -12.52
N MET A 102 -1.00 26.87 -11.23
CA MET A 102 -1.20 28.15 -10.56
C MET A 102 0.12 28.89 -10.42
N ARG A 103 1.18 28.16 -10.14
CA ARG A 103 2.51 28.75 -10.07
C ARG A 103 2.93 29.29 -11.44
N ASP A 104 2.75 28.47 -12.47
CA ASP A 104 3.11 28.85 -13.84
C ASP A 104 2.42 30.14 -14.24
N ALA A 105 1.17 30.30 -13.84
CA ALA A 105 0.39 31.48 -14.17
C ALA A 105 0.69 32.64 -13.23
N GLU A 106 1.64 32.45 -12.33
CA GLU A 106 2.04 33.47 -11.36
C GLU A 106 0.85 33.93 -10.50
N LEU A 107 -0.01 32.98 -10.15
CA LEU A 107 -1.21 33.26 -9.36
C LEU A 107 -1.11 32.72 -7.93
N LEU A 108 -0.32 31.67 -7.75
CA LEU A 108 -0.34 30.89 -6.51
C LEU A 108 0.14 31.67 -5.30
N ARG A 109 -0.70 31.71 -4.27
CA ARG A 109 -0.36 32.38 -3.02
C ARG A 109 -0.62 31.49 -1.80
N ARG A 110 -1.63 30.63 -1.89
CA ARG A 110 -2.14 29.94 -0.70
C ARG A 110 -2.70 28.55 -1.00
N PHE A 111 -2.49 27.64 -0.04
CA PHE A 111 -3.01 26.28 -0.11
C PHE A 111 -3.74 25.94 1.19
N ILE A 112 -4.97 25.45 1.04
CA ILE A 112 -5.82 25.12 2.18
C ILE A 112 -6.28 23.67 2.06
N PRO A 113 -5.49 22.74 2.62
CA PRO A 113 -5.92 21.34 2.66
C PRO A 113 -6.92 21.10 3.79
N PHE A 114 -7.95 20.33 3.48
CA PHE A 114 -9.06 20.06 4.39
C PHE A 114 -9.26 18.55 4.45
N ASP A 115 -9.03 17.94 5.61
CA ASP A 115 -9.09 16.49 5.72
C ASP A 115 -9.29 16.05 7.17
N VAL A 116 -9.62 14.78 7.39
CA VAL A 116 -9.95 14.31 8.75
C VAL A 116 -8.72 13.90 9.57
N ASP A 117 -7.56 13.78 8.93
CA ASP A 117 -6.35 13.31 9.63
C ASP A 117 -5.29 14.42 9.75
N ALA A 118 -5.10 14.90 10.97
CA ALA A 118 -4.20 16.02 11.22
C ALA A 118 -2.76 15.66 10.87
N GLY A 119 -2.37 14.42 11.14
CA GLY A 119 -1.03 13.94 10.83
C GLY A 119 -0.74 14.02 9.34
N VAL A 120 -1.75 13.66 8.53
CA VAL A 120 -1.64 13.73 7.08
C VAL A 120 -1.50 15.18 6.62
N LEU A 121 -2.30 16.06 7.22
CA LEU A 121 -2.28 17.46 6.85
C LEU A 121 -0.92 18.08 7.13
N ARG A 122 -0.31 17.69 8.25
CA ARG A 122 1.04 18.14 8.58
C ARG A 122 2.05 17.67 7.53
N SER A 123 1.95 16.41 7.12
CA SER A 123 2.83 15.86 6.10
C SER A 123 2.68 16.56 4.76
N ALA A 124 1.44 16.83 4.40
CA ALA A 124 1.12 17.55 3.16
C ALA A 124 1.67 18.96 3.21
N GLY A 125 1.52 19.62 4.36
CA GLY A 125 1.99 20.97 4.55
C GLY A 125 3.51 21.08 4.41
N ALA A 126 4.21 20.09 4.95
CA ALA A 126 5.67 20.05 4.84
C ALA A 126 6.12 19.85 3.40
N ALA A 127 5.47 18.93 2.71
CA ALA A 127 5.83 18.60 1.34
C ALA A 127 5.55 19.76 0.39
N ILE A 128 4.34 20.30 0.46
CA ILE A 128 3.95 21.43 -0.39
C ILE A 128 4.77 22.67 -0.06
N GLY A 129 5.00 22.91 1.24
CA GLY A 129 5.78 24.04 1.68
C GLY A 129 7.20 24.00 1.11
N ALA A 130 7.73 22.80 0.97
CA ALA A 130 9.07 22.61 0.41
C ALA A 130 9.07 22.81 -1.10
N GLU A 131 8.01 22.36 -1.78
CA GLU A 131 7.98 22.39 -3.24
C GLU A 131 7.62 23.76 -3.78
N TYR A 132 6.86 24.55 -3.02
CA TYR A 132 6.42 25.87 -3.45
C TYR A 132 6.82 26.93 -2.43
N PRO A 133 8.12 27.25 -2.35
CA PRO A 133 8.62 28.18 -1.34
C PRO A 133 7.86 29.50 -1.27
N GLY A 134 7.45 29.90 -0.07
CA GLY A 134 6.75 31.15 0.12
C GLY A 134 5.24 30.99 0.18
N ILE A 135 4.75 29.82 -0.22
CA ILE A 135 3.32 29.54 -0.20
C ILE A 135 2.80 29.56 1.23
N GLU A 136 1.63 30.18 1.43
CA GLU A 136 0.95 30.16 2.72
C GLU A 136 0.09 28.92 2.83
N ILE A 137 0.23 28.18 3.93
CA ILE A 137 -0.55 26.96 4.12
C ILE A 137 -1.40 27.04 5.38
N ASP A 138 -2.70 26.94 5.17
CA ASP A 138 -3.67 26.93 6.27
C ASP A 138 -4.46 25.63 6.23
N ALA A 139 -4.10 24.69 7.11
CA ALA A 139 -4.75 23.39 7.14
C ALA A 139 -5.97 23.38 8.04
N VAL A 140 -6.98 22.63 7.64
CA VAL A 140 -8.19 22.47 8.44
C VAL A 140 -8.45 20.99 8.62
N CYS A 141 -8.47 20.54 9.87
CA CYS A 141 -8.83 19.18 10.17
C CYS A 141 -10.31 19.14 10.49
N GLY A 142 -11.09 18.54 9.58
CA GLY A 142 -12.52 18.52 9.72
C GLY A 142 -13.21 17.53 8.81
N ASP A 143 -14.52 17.43 8.97
CA ASP A 143 -15.40 16.55 8.21
C ASP A 143 -16.14 17.38 7.15
N PHE A 144 -16.03 17.02 5.87
CA PHE A 144 -16.55 17.89 4.82
C PHE A 144 -18.08 17.95 4.82
N GLU A 145 -18.73 17.10 5.61
CA GLU A 145 -20.18 17.15 5.76
C GLU A 145 -20.61 18.03 6.94
N GLU A 146 -19.63 18.55 7.69
CA GLU A 146 -19.92 19.29 8.92
C GLU A 146 -19.20 20.62 9.08
N HIS A 147 -17.98 20.73 8.53
CA HIS A 147 -17.11 21.86 8.89
C HIS A 147 -16.70 22.74 7.71
N LEU A 148 -17.50 22.75 6.65
CA LEU A 148 -17.18 23.57 5.49
C LEU A 148 -17.13 25.05 5.86
N GLY A 149 -17.96 25.44 6.82
CA GLY A 149 -18.00 26.82 7.28
C GLY A 149 -16.71 27.27 7.96
N LYS A 150 -15.86 26.31 8.31
CA LYS A 150 -14.59 26.60 8.97
C LYS A 150 -13.47 26.91 7.97
N ILE A 151 -13.71 26.66 6.69
CA ILE A 151 -12.71 26.96 5.66
C ILE A 151 -12.55 28.48 5.54
N PRO A 152 -11.31 28.99 5.68
CA PRO A 152 -11.09 30.44 5.60
C PRO A 152 -11.58 31.06 4.30
N HIS A 153 -12.24 32.21 4.42
CA HIS A 153 -12.64 33.01 3.27
C HIS A 153 -11.57 34.04 3.02
N VAL A 154 -10.46 33.62 2.41
CA VAL A 154 -9.34 34.51 2.12
C VAL A 154 -8.86 34.26 0.70
N GLY A 155 -8.57 35.34 -0.01
CA GLY A 155 -8.14 35.25 -1.39
C GLY A 155 -9.26 34.86 -2.33
N ARG A 156 -8.89 34.60 -3.58
CA ARG A 156 -9.83 34.10 -4.57
C ARG A 156 -9.63 32.60 -4.63
N ARG A 157 -10.67 31.84 -4.25
CA ARG A 157 -10.50 30.43 -3.94
C ARG A 157 -11.05 29.47 -4.99
N LEU A 158 -10.20 28.52 -5.37
CA LEU A 158 -10.59 27.37 -6.16
C LEU A 158 -10.75 26.19 -5.21
N VAL A 159 -12.00 25.79 -4.98
CA VAL A 159 -12.30 24.66 -4.09
C VAL A 159 -12.45 23.40 -4.92
N VAL A 160 -11.63 22.39 -4.64
CA VAL A 160 -11.65 21.18 -5.45
C VAL A 160 -12.13 19.99 -4.62
N PHE A 161 -13.00 19.20 -5.23
CA PHE A 161 -13.58 18.02 -4.62
C PHE A 161 -13.52 16.94 -5.67
N LEU A 162 -12.44 16.19 -5.65
CA LEU A 162 -12.09 15.29 -6.74
C LEU A 162 -12.41 13.84 -6.41
N GLY A 163 -12.13 12.97 -7.37
CA GLY A 163 -12.18 11.53 -7.17
C GLY A 163 -13.57 10.93 -7.19
N SER A 164 -14.58 11.75 -7.44
CA SER A 164 -15.98 11.35 -7.37
C SER A 164 -16.37 10.98 -5.94
N THR A 165 -15.70 11.61 -4.98
CA THR A 165 -16.10 11.48 -3.57
C THR A 165 -17.56 11.85 -3.40
N ILE A 166 -18.03 12.82 -4.17
CA ILE A 166 -19.42 13.26 -4.08
C ILE A 166 -20.40 12.12 -4.40
N GLY A 167 -19.93 11.11 -5.14
CA GLY A 167 -20.73 9.94 -5.46
C GLY A 167 -20.95 9.01 -4.29
N ASN A 168 -20.17 9.16 -3.22
CA ASN A 168 -20.34 8.32 -2.04
C ASN A 168 -21.45 8.87 -1.13
N LEU A 169 -22.04 9.99 -1.52
CA LEU A 169 -23.21 10.52 -0.85
C LEU A 169 -24.49 10.17 -1.62
N THR A 170 -25.48 9.65 -0.92
CA THR A 170 -26.80 9.40 -1.52
C THR A 170 -27.43 10.77 -1.81
N PRO A 171 -28.49 10.79 -2.64
CA PRO A 171 -29.01 12.06 -3.17
C PRO A 171 -29.34 13.13 -2.13
N ALA A 172 -29.97 12.76 -1.01
CA ALA A 172 -30.36 13.76 -0.02
C ALA A 172 -29.14 14.40 0.65
N PRO A 173 -28.25 13.59 1.27
CA PRO A 173 -27.06 14.23 1.82
C PRO A 173 -26.20 14.90 0.74
N ARG A 174 -26.21 14.37 -0.48
CA ARG A 174 -25.43 14.96 -1.56
C ARG A 174 -25.90 16.38 -1.88
N ALA A 175 -27.21 16.55 -2.00
CA ALA A 175 -27.80 17.86 -2.27
C ALA A 175 -27.52 18.84 -1.15
N GLU A 176 -27.60 18.37 0.09
CA GLU A 176 -27.34 19.21 1.25
C GLU A 176 -25.89 19.67 1.25
N PHE A 177 -24.99 18.74 0.92
CA PHE A 177 -23.57 19.06 0.86
C PHE A 177 -23.29 20.15 -0.17
N LEU A 178 -23.77 19.96 -1.40
CA LEU A 178 -23.52 20.93 -2.47
C LEU A 178 -24.12 22.29 -2.14
N SER A 179 -25.31 22.30 -1.54
CA SER A 179 -25.95 23.54 -1.14
CA SER A 179 -25.95 23.53 -1.14
C SER A 179 -25.11 24.26 -0.09
N THR A 180 -24.65 23.52 0.91
CA THR A 180 -23.86 24.10 1.98
C THR A 180 -22.55 24.65 1.42
N LEU A 181 -21.90 23.87 0.56
CA LEU A 181 -20.65 24.27 -0.03
C LEU A 181 -20.84 25.54 -0.86
N ALA A 182 -21.86 25.55 -1.70
CA ALA A 182 -22.18 26.72 -2.52
C ALA A 182 -22.34 27.97 -1.66
N ASP A 183 -23.00 27.81 -0.51
CA ASP A 183 -23.23 28.95 0.38
C ASP A 183 -21.94 29.58 0.90
N THR A 184 -20.84 28.83 0.88
CA THR A 184 -19.56 29.35 1.39
C THR A 184 -18.76 30.07 0.32
N LEU A 185 -19.16 29.93 -0.94
CA LEU A 185 -18.42 30.54 -2.05
C LEU A 185 -18.78 32.02 -2.20
N GLN A 186 -17.74 32.83 -2.38
CA GLN A 186 -17.92 34.26 -2.64
C GLN A 186 -17.84 34.50 -4.15
N PRO A 187 -18.22 35.71 -4.59
CA PRO A 187 -17.99 36.05 -6.00
C PRO A 187 -16.50 36.00 -6.30
N GLY A 188 -16.13 35.29 -7.36
CA GLY A 188 -14.73 35.08 -7.70
C GLY A 188 -14.24 33.69 -7.33
N ASP A 189 -14.95 33.02 -6.41
CA ASP A 189 -14.59 31.66 -6.03
C ASP A 189 -15.15 30.68 -7.05
N SER A 190 -14.57 29.48 -7.10
CA SER A 190 -14.99 28.44 -8.04
C SER A 190 -14.95 27.08 -7.38
N LEU A 191 -15.82 26.19 -7.85
CA LEU A 191 -15.80 24.79 -7.45
C LEU A 191 -15.34 23.93 -8.62
N LEU A 192 -14.36 23.08 -8.36
CA LEU A 192 -13.95 22.06 -9.32
C LEU A 192 -14.39 20.69 -8.79
N LEU A 193 -15.35 20.09 -9.48
CA LEU A 193 -15.99 18.86 -9.02
C LEU A 193 -15.73 17.68 -9.96
N GLY A 194 -15.20 16.58 -9.41
CA GLY A 194 -14.99 15.36 -10.17
C GLY A 194 -16.16 14.41 -10.00
N THR A 195 -16.67 13.90 -11.11
CA THR A 195 -17.79 12.96 -11.11
C THR A 195 -17.53 11.79 -12.04
N ASP A 196 -17.55 10.58 -11.50
CA ASP A 196 -17.43 9.39 -12.32
C ASP A 196 -18.75 9.17 -13.06
N LEU A 197 -18.67 8.75 -14.32
CA LEU A 197 -19.83 8.75 -15.20
C LEU A 197 -20.35 7.35 -15.53
N VAL A 198 -21.64 7.28 -15.84
CA VAL A 198 -22.26 6.03 -16.25
C VAL A 198 -21.55 5.50 -17.49
N LYS A 199 -21.38 4.19 -17.53
CA LYS A 199 -20.59 3.53 -18.56
C LYS A 199 -20.90 2.05 -18.56
N ASP A 200 -20.15 1.29 -19.35
CA ASP A 200 -20.29 -0.16 -19.39
C ASP A 200 -20.34 -0.74 -17.98
N THR A 201 -21.40 -1.48 -17.68
CA THR A 201 -21.63 -1.94 -16.32
C THR A 201 -20.61 -3.01 -15.92
N GLY A 202 -20.12 -3.77 -16.90
CA GLY A 202 -19.09 -4.75 -16.60
C GLY A 202 -17.84 -4.08 -16.06
N ARG A 203 -17.42 -3.00 -16.71
CA ARG A 203 -16.26 -2.23 -16.28
C ARG A 203 -16.48 -1.64 -14.90
N LEU A 204 -17.70 -1.19 -14.64
CA LEU A 204 -18.04 -0.60 -13.34
C LEU A 204 -17.91 -1.62 -12.21
N VAL A 205 -18.46 -2.81 -12.42
CA VAL A 205 -18.41 -3.82 -11.37
C VAL A 205 -16.97 -4.28 -11.14
N ARG A 206 -16.21 -4.47 -12.21
CA ARG A 206 -14.83 -4.93 -12.07
C ARG A 206 -13.97 -3.90 -11.33
N ALA A 207 -14.28 -2.62 -11.49
CA ALA A 207 -13.56 -1.56 -10.80
C ALA A 207 -13.72 -1.65 -9.29
N TYR A 208 -14.76 -2.34 -8.84
CA TYR A 208 -15.04 -2.46 -7.41
C TYR A 208 -14.97 -3.92 -6.96
N ASP A 209 -14.35 -4.75 -7.79
CA ASP A 209 -14.16 -6.17 -7.49
C ASP A 209 -12.98 -6.66 -8.32
N ASP A 210 -11.81 -6.11 -8.02
CA ASP A 210 -10.59 -6.36 -8.78
C ASP A 210 -10.11 -7.79 -8.61
N ALA A 211 -9.39 -8.27 -9.61
CA ALA A 211 -8.93 -9.65 -9.65
C ALA A 211 -8.04 -10.01 -8.45
N ALA A 212 -7.28 -9.03 -7.99
CA ALA A 212 -6.27 -9.27 -6.94
C ALA A 212 -6.90 -9.33 -5.55
N GLY A 213 -8.16 -8.94 -5.44
CA GLY A 213 -8.87 -9.00 -4.17
C GLY A 213 -8.55 -7.87 -3.23
N VAL A 214 -7.99 -6.78 -3.75
CA VAL A 214 -7.61 -5.65 -2.91
C VAL A 214 -8.86 -4.90 -2.43
N THR A 215 -9.84 -4.70 -3.30
CA THR A 215 -11.06 -4.03 -2.87
C THR A 215 -11.78 -4.87 -1.81
N ALA A 216 -11.71 -6.20 -1.95
CA ALA A 216 -12.32 -7.09 -0.98
C ALA A 216 -11.70 -6.91 0.40
N ALA A 217 -10.39 -6.77 0.44
CA ALA A 217 -9.66 -6.53 1.69
C ALA A 217 -10.08 -5.19 2.30
N PHE A 218 -10.17 -4.17 1.44
CA PHE A 218 -10.62 -2.84 1.84
C PHE A 218 -12.00 -2.88 2.48
N ASN A 219 -12.92 -3.59 1.82
CA ASN A 219 -14.29 -3.70 2.31
C ASN A 219 -14.34 -4.41 3.66
N ARG A 220 -13.71 -5.57 3.75
CA ARG A 220 -13.74 -6.35 4.98
C ARG A 220 -13.05 -5.66 6.15
N ASN A 221 -12.15 -4.72 5.86
CA ASN A 221 -11.42 -4.03 6.92
C ASN A 221 -12.34 -3.21 7.82
N VAL A 222 -13.52 -2.83 7.34
CA VAL A 222 -14.44 -2.09 8.21
C VAL A 222 -14.83 -2.97 9.40
N LEU A 223 -14.87 -4.29 9.18
CA LEU A 223 -15.11 -5.23 10.27
C LEU A 223 -13.95 -5.26 11.27
N ALA A 224 -12.73 -5.12 10.77
CA ALA A 224 -11.55 -5.06 11.63
C ALA A 224 -11.59 -3.79 12.47
N VAL A 225 -12.05 -2.70 11.86
CA VAL A 225 -12.20 -1.43 12.58
C VAL A 225 -13.18 -1.61 13.74
N VAL A 226 -14.31 -2.23 13.46
CA VAL A 226 -15.32 -2.44 14.48
C VAL A 226 -14.78 -3.39 15.55
N ASN A 227 -14.08 -4.43 15.12
CA ASN A 227 -13.53 -5.40 16.06
C ASN A 227 -12.60 -4.72 17.07
N ARG A 228 -11.70 -3.89 16.55
CA ARG A 228 -10.71 -3.22 17.38
C ARG A 228 -11.34 -2.15 18.25
N GLU A 229 -12.13 -1.28 17.65
CA GLU A 229 -12.60 -0.09 18.35
C GLU A 229 -13.76 -0.39 19.31
N LEU A 230 -14.57 -1.37 18.98
CA LEU A 230 -15.76 -1.67 19.79
C LEU A 230 -15.70 -3.07 20.42
N SER A 231 -14.52 -3.68 20.38
CA SER A 231 -14.30 -5.00 20.96
C SER A 231 -15.31 -6.01 20.44
N ALA A 232 -15.36 -6.14 19.11
CA ALA A 232 -16.24 -7.11 18.47
C ALA A 232 -15.44 -8.30 17.96
N ASP A 233 -16.16 -9.34 17.52
CA ASP A 233 -15.54 -10.60 17.10
C ASP A 233 -16.03 -11.05 15.73
N PHE A 234 -16.17 -10.11 14.80
CA PHE A 234 -16.38 -10.45 13.40
C PHE A 234 -15.27 -11.38 12.92
N ASP A 235 -15.65 -12.46 12.26
CA ASP A 235 -14.71 -13.34 11.58
C ASP A 235 -14.61 -12.85 10.13
N LEU A 236 -13.54 -12.14 9.80
CA LEU A 236 -13.42 -11.54 8.48
C LEU A 236 -13.46 -12.60 7.38
N ASP A 237 -12.95 -13.79 7.69
CA ASP A 237 -12.92 -14.88 6.71
C ASP A 237 -14.32 -15.39 6.37
N ALA A 238 -15.30 -15.07 7.21
CA ALA A 238 -16.65 -15.58 7.02
C ALA A 238 -17.49 -14.68 6.10
N PHE A 239 -16.91 -13.58 5.63
CA PHE A 239 -17.69 -12.63 4.84
C PHE A 239 -17.15 -12.45 3.44
N GLU A 240 -18.04 -12.62 2.47
CA GLU A 240 -17.69 -12.53 1.05
C GLU A 240 -17.89 -11.10 0.55
N HIS A 241 -16.93 -10.62 -0.23
CA HIS A 241 -17.03 -9.31 -0.87
C HIS A 241 -17.95 -9.41 -2.09
N VAL A 242 -18.91 -8.49 -2.18
CA VAL A 242 -19.86 -8.47 -3.30
C VAL A 242 -20.01 -7.05 -3.81
N ALA A 243 -19.75 -6.84 -5.10
CA ALA A 243 -20.00 -5.56 -5.75
C ALA A 243 -21.17 -5.72 -6.72
N LYS A 244 -22.14 -4.81 -6.63
CA LYS A 244 -23.34 -4.86 -7.45
C LYS A 244 -23.55 -3.56 -8.20
N TRP A 245 -24.09 -3.66 -9.42
CA TRP A 245 -24.60 -2.48 -10.12
C TRP A 245 -26.10 -2.36 -9.87
N ASN A 246 -26.50 -1.25 -9.28
CA ASN A 246 -27.90 -0.91 -9.08
C ASN A 246 -28.35 -0.03 -10.24
N SER A 247 -29.10 -0.61 -11.17
CA SER A 247 -29.49 0.11 -12.38
C SER A 247 -30.61 1.12 -12.13
N ASP A 248 -31.42 0.90 -11.10
CA ASP A 248 -32.48 1.84 -10.73
C ASP A 248 -31.90 3.16 -10.22
N GLU A 249 -30.87 3.06 -9.38
CA GLU A 249 -30.24 4.23 -8.78
C GLU A 249 -28.95 4.61 -9.50
N GLU A 250 -28.57 3.80 -10.48
CA GLU A 250 -27.34 3.99 -11.26
C GLU A 250 -26.15 4.23 -10.33
N ARG A 251 -25.94 3.26 -9.45
CA ARG A 251 -24.83 3.32 -8.51
C ARG A 251 -24.25 1.93 -8.31
N ILE A 252 -22.94 1.91 -8.06
CA ILE A 252 -22.27 0.73 -7.58
C ILE A 252 -22.54 0.61 -6.09
N GLU A 253 -22.71 -0.62 -5.62
CA GLU A 253 -22.86 -0.90 -4.20
C GLU A 253 -21.87 -1.97 -3.77
N MET A 254 -21.24 -1.76 -2.62
CA MET A 254 -20.41 -2.79 -2.02
C MET A 254 -21.16 -3.43 -0.86
N TRP A 255 -21.17 -4.76 -0.84
CA TRP A 255 -21.82 -5.52 0.22
C TRP A 255 -20.86 -6.52 0.85
N LEU A 256 -21.17 -6.94 2.07
CA LEU A 256 -20.51 -8.08 2.71
C LEU A 256 -21.55 -9.16 2.95
N ARG A 257 -21.28 -10.36 2.46
CA ARG A 257 -22.21 -11.48 2.53
C ARG A 257 -21.68 -12.58 3.44
N ALA A 258 -22.45 -12.94 4.46
CA ALA A 258 -22.06 -14.03 5.36
C ALA A 258 -22.12 -15.38 4.62
N ARG A 259 -21.00 -16.10 4.60
CA ARG A 259 -20.92 -17.43 3.98
C ARG A 259 -21.81 -18.43 4.69
N THR A 260 -21.77 -18.34 6.02
CA THR A 260 -22.53 -19.20 6.90
C THR A 260 -23.10 -18.32 8.00
N ALA A 261 -24.01 -18.86 8.81
CA ALA A 261 -24.58 -18.10 9.91
C ALA A 261 -23.46 -17.61 10.85
N GLN A 262 -23.55 -16.36 11.26
CA GLN A 262 -22.55 -15.76 12.16
C GLN A 262 -23.21 -15.08 13.35
N HIS A 263 -22.68 -15.35 14.55
CA HIS A 263 -23.10 -14.63 15.75
C HIS A 263 -21.99 -13.67 16.14
N VAL A 264 -22.33 -12.38 16.17
CA VAL A 264 -21.33 -11.35 16.43
C VAL A 264 -21.66 -10.62 17.72
N ARG A 265 -20.68 -10.58 18.61
CA ARG A 265 -20.81 -9.84 19.86
C ARG A 265 -19.99 -8.56 19.75
N VAL A 266 -20.64 -7.44 20.03
CA VAL A 266 -19.98 -6.13 20.06
C VAL A 266 -19.95 -5.67 21.51
N ALA A 267 -18.87 -6.00 22.21
CA ALA A 267 -18.79 -5.83 23.66
C ALA A 267 -18.98 -4.39 24.11
N ALA A 268 -18.42 -3.44 23.35
CA ALA A 268 -18.47 -2.05 23.73
C ALA A 268 -19.91 -1.49 23.69
N LEU A 269 -20.78 -2.17 22.97
CA LEU A 269 -22.19 -1.76 22.86
C LEU A 269 -23.14 -2.66 23.66
N ASP A 270 -22.61 -3.62 24.41
CA ASP A 270 -23.43 -4.62 25.10
C ASP A 270 -24.43 -5.24 24.12
N LEU A 271 -23.94 -5.56 22.92
CA LEU A 271 -24.80 -5.90 21.79
C LEU A 271 -24.41 -7.22 21.15
N GLU A 272 -25.40 -8.05 20.86
CA GLU A 272 -25.21 -9.26 20.08
C GLU A 272 -26.10 -9.20 18.84
N VAL A 273 -25.54 -9.51 17.68
CA VAL A 273 -26.35 -9.59 16.46
C VAL A 273 -26.04 -10.87 15.71
N ASP A 274 -26.99 -11.26 14.85
CA ASP A 274 -26.86 -12.47 14.07
C ASP A 274 -26.95 -12.17 12.58
N PHE A 275 -26.12 -12.88 11.82
CA PHE A 275 -26.21 -12.91 10.37
C PHE A 275 -26.69 -14.27 9.92
N ALA A 276 -27.72 -14.32 9.09
CA ALA A 276 -28.15 -15.57 8.50
C ALA A 276 -27.15 -15.94 7.41
N ALA A 277 -27.02 -17.23 7.10
CA ALA A 277 -26.21 -17.64 5.97
C ALA A 277 -26.73 -16.95 4.72
N GLY A 278 -25.85 -16.25 4.01
CA GLY A 278 -26.25 -15.54 2.81
C GLY A 278 -26.76 -14.13 3.06
N GLU A 279 -26.86 -13.73 4.32
CA GLU A 279 -27.32 -12.38 4.61
C GLU A 279 -26.27 -11.37 4.16
N GLU A 280 -26.75 -10.28 3.57
CA GLU A 280 -25.86 -9.25 3.05
C GLU A 280 -26.01 -7.93 3.81
N MET A 281 -24.87 -7.28 4.00
CA MET A 281 -24.78 -6.00 4.69
C MET A 281 -24.17 -4.96 3.75
N LEU A 282 -24.87 -3.83 3.58
CA LEU A 282 -24.41 -2.76 2.69
C LEU A 282 -23.33 -1.89 3.34
N THR A 283 -22.20 -1.69 2.66
CA THR A 283 -21.09 -0.94 3.25
C THR A 283 -20.71 0.33 2.50
N GLU A 284 -21.13 0.45 1.24
CA GLU A 284 -20.81 1.64 0.45
C GLU A 284 -21.65 1.74 -0.80
N VAL A 285 -21.99 2.97 -1.19
CA VAL A 285 -22.57 3.23 -2.50
C VAL A 285 -21.60 4.14 -3.22
N SER A 286 -21.55 3.98 -4.54
CA SER A 286 -20.72 4.83 -5.38
C SER A 286 -21.58 5.21 -6.58
N CYS A 287 -22.23 6.35 -6.47
CA CYS A 287 -23.17 6.82 -7.48
C CYS A 287 -22.42 7.25 -8.74
N LYS A 288 -22.95 6.87 -9.90
CA LYS A 288 -22.37 7.26 -11.18
C LYS A 288 -23.32 8.22 -11.87
N PHE A 289 -22.76 9.17 -12.60
CA PHE A 289 -23.52 10.33 -13.07
C PHE A 289 -23.68 10.37 -14.58
N ARG A 290 -24.74 11.05 -15.01
CA ARG A 290 -24.91 11.41 -16.40
C ARG A 290 -24.54 12.88 -16.54
N PRO A 291 -23.80 13.26 -17.60
CA PRO A 291 -23.37 14.65 -17.75
C PRO A 291 -24.48 15.69 -17.56
N GLU A 292 -25.65 15.46 -18.16
CA GLU A 292 -26.74 16.42 -18.06
C GLU A 292 -27.22 16.58 -16.61
N ASN A 293 -27.17 15.49 -15.84
CA ASN A 293 -27.62 15.51 -14.46
C ASN A 293 -26.63 16.19 -13.52
N VAL A 294 -25.35 16.21 -13.89
CA VAL A 294 -24.37 16.93 -13.11
C VAL A 294 -24.70 18.41 -13.14
N VAL A 295 -25.00 18.91 -14.35
CA VAL A 295 -25.41 20.31 -14.52
C VAL A 295 -26.62 20.60 -13.64
N ALA A 296 -27.60 19.70 -13.66
CA ALA A 296 -28.84 19.90 -12.91
C ALA A 296 -28.60 19.94 -11.41
N GLU A 297 -27.81 19.00 -10.90
CA GLU A 297 -27.56 18.92 -9.47
C GLU A 297 -26.78 20.16 -9.01
N LEU A 298 -25.87 20.63 -9.84
CA LEU A 298 -25.14 21.87 -9.53
C LEU A 298 -26.10 23.05 -9.50
N ALA A 299 -27.03 23.08 -10.46
CA ALA A 299 -27.99 24.18 -10.57
C ALA A 299 -28.88 24.26 -9.33
N GLU A 300 -29.34 23.10 -8.87
CA GLU A 300 -30.20 23.02 -7.70
C GLU A 300 -29.48 23.55 -6.45
N ALA A 301 -28.15 23.42 -6.43
CA ALA A 301 -27.35 23.91 -5.32
C ALA A 301 -27.04 25.40 -5.45
N GLY A 302 -27.48 26.02 -6.56
CA GLY A 302 -27.23 27.42 -6.80
C GLY A 302 -25.90 27.67 -7.49
N LEU A 303 -25.40 26.66 -8.19
CA LEU A 303 -24.12 26.75 -8.90
C LEU A 303 -24.31 26.60 -10.40
N ARG A 304 -23.64 27.46 -11.16
CA ARG A 304 -23.70 27.41 -12.62
C ARG A 304 -22.41 26.80 -13.17
N GLN A 305 -22.56 25.71 -13.92
CA GLN A 305 -21.41 25.07 -14.54
C GLN A 305 -20.92 25.93 -15.70
N THR A 306 -19.68 26.40 -15.61
CA THR A 306 -19.11 27.26 -16.64
C THR A 306 -18.18 26.47 -17.57
N HIS A 307 -17.65 25.37 -17.06
CA HIS A 307 -16.76 24.51 -17.83
C HIS A 307 -17.00 23.05 -17.51
N TRP A 308 -16.74 22.21 -18.51
CA TRP A 308 -16.92 20.76 -18.40
C TRP A 308 -15.82 20.09 -19.19
N TRP A 309 -15.03 19.27 -18.51
CA TRP A 309 -13.95 18.52 -19.15
C TRP A 309 -14.21 17.02 -18.98
N THR A 310 -13.96 16.26 -20.04
CA THR A 310 -14.15 14.82 -19.98
C THR A 310 -13.14 14.14 -20.89
N ASP A 311 -12.73 12.93 -20.50
CA ASP A 311 -11.82 12.13 -21.31
C ASP A 311 -12.51 11.67 -22.60
N PRO A 312 -11.73 11.33 -23.63
CA PRO A 312 -12.31 10.96 -24.92
C PRO A 312 -13.21 9.74 -24.87
N ALA A 313 -13.06 8.88 -23.86
CA ALA A 313 -13.93 7.73 -23.71
C ALA A 313 -15.23 8.08 -22.99
N GLY A 314 -15.26 9.26 -22.36
CA GLY A 314 -16.42 9.69 -21.60
C GLY A 314 -16.55 8.97 -20.27
N ASP A 315 -15.43 8.49 -19.73
CA ASP A 315 -15.43 7.72 -18.49
C ASP A 315 -15.61 8.59 -17.25
N PHE A 316 -15.09 9.82 -17.31
CA PHE A 316 -15.03 10.66 -16.13
C PHE A 316 -15.21 12.12 -16.53
N GLY A 317 -15.75 12.92 -15.61
CA GLY A 317 -15.99 14.33 -15.88
C GLY A 317 -15.57 15.25 -14.77
N LEU A 318 -15.09 16.44 -15.16
CA LEU A 318 -14.76 17.51 -14.23
C LEU A 318 -15.55 18.76 -14.59
N SER A 319 -16.23 19.32 -13.59
CA SER A 319 -16.99 20.55 -13.75
C SER A 319 -16.34 21.72 -13.01
N LEU A 320 -16.28 22.88 -13.65
CA LEU A 320 -16.03 24.12 -12.94
C LEU A 320 -17.36 24.85 -12.79
N ALA A 321 -17.67 25.29 -11.57
CA ALA A 321 -18.94 25.95 -11.29
C ALA A 321 -18.78 27.13 -10.35
N VAL A 322 -19.63 28.13 -10.53
CA VAL A 322 -19.56 29.37 -9.77
C VAL A 322 -20.94 29.79 -9.27
N ARG A 323 -20.96 30.71 -8.32
CA ARG A 323 -22.20 31.33 -7.86
C ARG A 323 -22.77 32.25 -8.94
N GLY B 1 30.78 15.91 -14.60
CA GLY B 1 32.13 15.57 -14.04
C GLY B 1 32.09 14.31 -13.20
N HIS B 2 30.88 13.81 -12.94
CA HIS B 2 30.70 12.67 -12.07
C HIS B 2 30.64 11.35 -12.84
N MET B 3 30.89 10.27 -12.11
CA MET B 3 30.83 8.92 -12.64
C MET B 3 29.43 8.57 -13.12
N ALA B 4 29.34 8.12 -14.35
CA ALA B 4 28.08 7.66 -14.91
C ALA B 4 27.58 6.43 -14.16
N LEU B 5 26.27 6.33 -14.01
CA LEU B 5 25.66 5.16 -13.40
C LEU B 5 25.72 3.98 -14.34
N SER B 6 25.86 2.79 -13.76
CA SER B 6 25.93 1.56 -14.52
C SER B 6 24.86 0.58 -14.06
N LEU B 7 24.23 -0.09 -15.00
CA LEU B 7 23.28 -1.16 -14.72
C LEU B 7 23.62 -2.35 -15.61
N ALA B 8 23.93 -3.48 -14.97
CA ALA B 8 24.21 -4.72 -15.68
C ALA B 8 23.02 -5.66 -15.47
N ASN B 9 22.48 -6.17 -16.57
CA ASN B 9 21.29 -7.01 -16.52
C ASN B 9 21.57 -8.43 -16.99
N TYR B 10 21.39 -9.40 -16.10
CA TYR B 10 21.68 -10.79 -16.41
C TYR B 10 20.40 -11.62 -16.54
N LEU B 11 19.25 -10.96 -16.39
CA LEU B 11 17.95 -11.60 -16.55
C LEU B 11 17.40 -11.37 -17.95
N ALA B 12 17.01 -12.45 -18.61
CA ALA B 12 16.40 -12.36 -19.93
C ALA B 12 14.94 -11.94 -19.80
N ALA B 13 14.41 -11.34 -20.85
CA ALA B 13 13.01 -10.90 -20.86
C ALA B 13 12.07 -12.07 -20.56
N ASP B 14 12.42 -13.26 -21.04
CA ASP B 14 11.55 -14.42 -20.94
C ASP B 14 11.86 -15.32 -19.74
N SER B 15 12.96 -15.04 -19.04
CA SER B 15 13.44 -15.94 -18.00
C SER B 15 12.44 -16.04 -16.85
N ALA B 16 11.84 -14.93 -16.49
CA ALA B 16 10.86 -14.91 -15.41
C ALA B 16 9.62 -15.71 -15.79
N ALA B 17 9.17 -15.55 -17.03
CA ALA B 17 7.98 -16.25 -17.51
C ALA B 17 8.20 -17.75 -17.49
N GLU B 18 9.36 -18.20 -17.95
CA GLU B 18 9.67 -19.62 -17.97
C GLU B 18 9.81 -20.17 -16.57
N ALA B 19 10.38 -19.37 -15.67
CA ALA B 19 10.52 -19.79 -14.27
C ALA B 19 9.14 -20.00 -13.64
N LEU B 20 8.20 -19.10 -13.93
CA LEU B 20 6.87 -19.21 -13.37
C LEU B 20 6.17 -20.48 -13.86
N ARG B 21 6.25 -20.74 -15.16
CA ARG B 21 5.65 -21.95 -15.73
C ARG B 21 6.21 -23.19 -15.04
N ARG B 22 7.54 -23.21 -14.91
CA ARG B 22 8.25 -24.32 -14.29
C ARG B 22 7.81 -24.51 -12.84
N ASP B 23 7.80 -23.41 -12.09
CA ASP B 23 7.48 -23.46 -10.66
C ASP B 23 6.02 -23.84 -10.40
N VAL B 24 5.12 -23.32 -11.22
CA VAL B 24 3.70 -23.59 -11.04
C VAL B 24 3.37 -25.03 -11.39
N ARG B 25 4.00 -25.56 -12.44
CA ARG B 25 3.72 -26.94 -12.82
C ARG B 25 4.20 -27.88 -11.72
N ALA B 26 5.45 -27.71 -11.29
CA ALA B 26 6.03 -28.54 -10.25
C ALA B 26 5.25 -28.41 -8.95
N GLY B 27 4.89 -27.19 -8.60
CA GLY B 27 4.24 -26.91 -7.34
C GLY B 27 2.83 -27.46 -7.23
N LEU B 28 2.06 -27.36 -8.31
CA LEU B 28 0.66 -27.76 -8.26
C LEU B 28 0.46 -29.25 -8.52
N THR B 29 1.48 -29.94 -9.03
CA THR B 29 1.39 -31.37 -9.29
C THR B 29 2.05 -32.20 -8.19
N ALA B 30 2.73 -31.52 -7.26
CA ALA B 30 3.33 -32.20 -6.11
C ALA B 30 2.26 -32.76 -5.19
N THR B 31 2.54 -33.89 -4.55
CA THR B 31 1.56 -34.52 -3.66
C THR B 31 1.21 -33.56 -2.53
N GLN B 32 2.22 -32.85 -2.04
CA GLN B 32 2.01 -31.67 -1.20
C GLN B 32 2.15 -30.44 -2.08
N LYS B 33 1.03 -29.79 -2.39
CA LYS B 33 1.04 -28.63 -3.27
C LYS B 33 1.77 -27.45 -2.64
N SER B 34 2.52 -26.71 -3.45
CA SER B 34 3.19 -25.50 -2.98
C SER B 34 3.39 -24.52 -4.12
N LEU B 35 3.69 -23.27 -3.77
CA LEU B 35 4.11 -22.25 -4.73
C LEU B 35 5.25 -21.46 -4.10
N PRO B 36 6.28 -21.10 -4.89
CA PRO B 36 7.36 -20.30 -4.30
C PRO B 36 6.94 -18.87 -3.97
N PRO B 37 7.40 -18.31 -2.84
CA PRO B 37 6.95 -16.97 -2.43
C PRO B 37 7.52 -15.84 -3.28
N LYS B 38 8.52 -16.12 -4.11
CA LYS B 38 9.08 -15.09 -4.97
C LYS B 38 8.00 -14.48 -5.86
N TRP B 39 6.98 -15.26 -6.17
CA TRP B 39 5.92 -14.81 -7.07
C TRP B 39 4.87 -13.95 -6.36
N PHE B 40 5.02 -13.76 -5.06
CA PHE B 40 4.19 -12.81 -4.33
C PHE B 40 4.38 -11.40 -4.85
N TYR B 41 5.57 -11.11 -5.38
CA TYR B 41 5.99 -9.72 -5.52
C TYR B 41 5.82 -9.13 -6.93
N ASP B 42 4.60 -9.23 -7.47
CA ASP B 42 4.24 -8.44 -8.64
C ASP B 42 3.96 -7.02 -8.15
N ALA B 43 3.45 -6.15 -9.01
CA ALA B 43 3.22 -4.76 -8.62
C ALA B 43 2.26 -4.68 -7.42
N VAL B 44 1.14 -5.38 -7.52
CA VAL B 44 0.13 -5.41 -6.47
C VAL B 44 0.68 -6.02 -5.19
N GLY B 45 1.35 -7.16 -5.32
CA GLY B 45 1.87 -7.86 -4.16
C GLY B 45 2.97 -7.08 -3.47
N SER B 46 3.79 -6.36 -4.24
CA SER B 46 4.85 -5.56 -3.65
C SER B 46 4.25 -4.42 -2.81
N ASP B 47 3.18 -3.80 -3.30
CA ASP B 47 2.50 -2.74 -2.56
C ASP B 47 1.83 -3.29 -1.30
N LEU B 48 1.29 -4.50 -1.39
CA LEU B 48 0.69 -5.14 -0.22
C LEU B 48 1.77 -5.41 0.82
N PHE B 49 2.94 -5.88 0.39
CA PHE B 49 4.00 -6.13 1.35
C PHE B 49 4.47 -4.83 1.99
N ASP B 50 4.58 -3.77 1.20
CA ASP B 50 4.94 -2.47 1.74
C ASP B 50 3.99 -2.09 2.88
N GLN B 51 2.70 -2.32 2.68
CA GLN B 51 1.72 -2.03 3.72
C GLN B 51 1.95 -2.92 4.94
N ILE B 52 2.28 -4.19 4.69
CA ILE B 52 2.54 -5.13 5.79
C ILE B 52 3.61 -4.59 6.72
N THR B 53 4.63 -3.93 6.17
CA THR B 53 5.74 -3.44 6.99
C THR B 53 5.26 -2.37 7.98
N ARG B 54 4.08 -1.83 7.76
CA ARG B 54 3.54 -0.79 8.62
C ARG B 54 2.44 -1.30 9.57
N LEU B 55 2.10 -2.58 9.49
CA LEU B 55 1.06 -3.14 10.34
C LEU B 55 1.51 -3.24 11.80
N PRO B 56 0.59 -2.96 12.74
CA PRO B 56 0.98 -3.09 14.16
C PRO B 56 1.53 -4.48 14.52
N GLU B 57 0.92 -5.53 13.99
CA GLU B 57 1.33 -6.90 14.30
C GLU B 57 2.69 -7.28 13.73
N TYR B 58 3.05 -6.67 12.60
CA TYR B 58 4.28 -7.03 11.90
C TYR B 58 5.46 -6.18 12.38
N TYR B 59 6.05 -6.60 13.49
CA TYR B 59 7.16 -5.89 14.14
C TYR B 59 8.52 -5.88 13.39
N PRO B 60 8.80 -6.87 12.51
CA PRO B 60 10.18 -6.98 12.03
C PRO B 60 10.80 -5.75 11.35
N THR B 61 10.09 -5.13 10.40
CA THR B 61 10.67 -4.01 9.66
C THR B 61 11.06 -2.85 10.58
N ARG B 62 10.13 -2.41 11.41
CA ARG B 62 10.38 -1.26 12.26
C ARG B 62 11.41 -1.58 13.34
N THR B 63 11.43 -2.84 13.79
CA THR B 63 12.37 -3.25 14.81
C THR B 63 13.78 -3.22 14.23
N GLU B 64 13.94 -3.79 13.04
CA GLU B 64 15.24 -3.78 12.38
C GLU B 64 15.69 -2.35 12.10
N ALA B 65 14.75 -1.50 11.69
CA ALA B 65 15.05 -0.11 11.39
C ALA B 65 15.61 0.61 12.62
N GLN B 66 15.03 0.34 13.78
CA GLN B 66 15.48 1.00 15.00
C GLN B 66 16.90 0.56 15.36
N ILE B 67 17.19 -0.73 15.22
CA ILE B 67 18.54 -1.22 15.48
C ILE B 67 19.51 -0.53 14.54
N LEU B 68 19.17 -0.49 13.26
CA LEU B 68 20.09 0.04 12.26
C LEU B 68 20.31 1.53 12.48
N ARG B 69 19.26 2.22 12.93
CA ARG B 69 19.34 3.62 13.28
C ARG B 69 20.41 3.82 14.36
N THR B 70 20.35 2.98 15.38
CA THR B 70 21.25 3.07 16.52
C THR B 70 22.68 2.66 16.17
N ARG B 71 22.82 1.70 15.27
CA ARG B 71 24.10 1.01 15.08
C ARG B 71 24.84 1.32 13.78
N SER B 72 24.25 2.13 12.91
CA SER B 72 24.85 2.37 11.60
C SER B 72 26.29 2.88 11.68
N ALA B 73 26.55 3.81 12.61
CA ALA B 73 27.89 4.35 12.76
C ALA B 73 28.87 3.26 13.19
N GLU B 74 28.48 2.45 14.18
CA GLU B 74 29.29 1.34 14.65
C GLU B 74 29.58 0.33 13.53
N ILE B 75 28.54 0.03 12.75
CA ILE B 75 28.65 -0.93 11.65
C ILE B 75 29.68 -0.45 10.63
N ILE B 76 29.55 0.81 10.24
CA ILE B 76 30.44 1.40 9.24
C ILE B 76 31.88 1.46 9.76
N SER B 77 32.03 1.80 11.03
CA SER B 77 33.36 1.90 11.63
C SER B 77 34.02 0.52 11.72
N ALA B 78 33.23 -0.49 12.08
CA ALA B 78 33.74 -1.85 12.17
C ALA B 78 34.08 -2.43 10.79
N ALA B 79 33.24 -2.16 9.80
CA ALA B 79 33.42 -2.74 8.46
C ALA B 79 34.60 -2.13 7.72
N GLY B 80 34.79 -0.81 7.88
CA GLY B 80 35.83 -0.10 7.18
C GLY B 80 35.69 -0.19 5.66
N ALA B 81 34.44 -0.38 5.21
CA ALA B 81 34.14 -0.56 3.80
C ALA B 81 33.92 0.77 3.07
N ASP B 82 34.31 0.83 1.80
CA ASP B 82 34.03 2.01 0.96
C ASP B 82 32.94 1.70 -0.05
N THR B 83 32.50 0.45 -0.08
CA THR B 83 31.50 -0.01 -1.03
C THR B 83 30.36 -0.72 -0.30
N LEU B 84 29.14 -0.26 -0.53
CA LEU B 84 27.95 -0.88 0.05
C LEU B 84 27.24 -1.72 -1.00
N VAL B 85 27.14 -3.02 -0.75
CA VAL B 85 26.39 -3.93 -1.61
C VAL B 85 25.08 -4.26 -0.92
N GLU B 86 23.96 -4.00 -1.60
CA GLU B 86 22.66 -4.30 -1.05
C GLU B 86 21.99 -5.40 -1.83
N LEU B 87 21.77 -6.55 -1.19
CA LEU B 87 20.96 -7.60 -1.77
C LEU B 87 19.51 -7.16 -1.57
N GLY B 88 19.02 -6.37 -2.51
CA GLY B 88 17.77 -5.64 -2.37
C GLY B 88 17.78 -4.43 -3.29
N SER B 89 16.68 -3.67 -3.28
CA SER B 89 16.43 -2.65 -4.30
C SER B 89 17.11 -1.29 -4.07
N GLY B 90 17.46 -0.99 -2.83
CA GLY B 90 18.11 0.27 -2.51
C GLY B 90 17.14 1.43 -2.34
N THR B 91 15.88 1.11 -2.05
CA THR B 91 14.83 2.12 -1.97
C THR B 91 14.45 2.51 -0.54
N SER B 92 14.97 1.79 0.46
CA SER B 92 14.51 1.97 1.83
C SER B 92 15.27 3.07 2.55
N GLU B 93 14.73 3.51 3.69
CA GLU B 93 15.44 4.41 4.59
C GLU B 93 16.68 3.73 5.16
N LYS B 94 16.62 2.40 5.30
CA LYS B 94 17.74 1.64 5.86
C LYS B 94 18.99 1.78 5.00
N THR B 95 18.78 1.82 3.69
CA THR B 95 19.89 2.01 2.77
C THR B 95 20.57 3.34 3.04
N ARG B 96 19.76 4.38 3.23
CA ARG B 96 20.28 5.72 3.47
C ARG B 96 20.97 5.85 4.83
N MET B 97 20.49 5.11 5.83
CA MET B 97 21.16 5.09 7.14
C MET B 97 22.61 4.65 6.97
N LEU B 98 22.82 3.59 6.20
CA LEU B 98 24.14 3.05 6.00
C LEU B 98 25.00 3.94 5.10
N LEU B 99 24.41 4.45 4.02
CA LEU B 99 25.14 5.34 3.12
C LEU B 99 25.52 6.64 3.81
N ASP B 100 24.60 7.19 4.61
CA ASP B 100 24.90 8.40 5.37
C ASP B 100 26.07 8.17 6.32
N ALA B 101 26.07 7.03 6.99
CA ALA B 101 27.14 6.69 7.92
C ALA B 101 28.48 6.55 7.21
N MET B 102 28.47 5.98 6.00
CA MET B 102 29.68 5.82 5.23
C MET B 102 30.19 7.16 4.72
N ARG B 103 29.25 8.03 4.35
CA ARG B 103 29.60 9.38 3.92
C ARG B 103 30.20 10.17 5.09
N ASP B 104 29.54 10.12 6.24
CA ASP B 104 30.02 10.82 7.44
C ASP B 104 31.43 10.37 7.83
N ALA B 105 31.73 9.09 7.60
CA ALA B 105 33.02 8.52 7.95
C ALA B 105 34.07 8.81 6.87
N GLU B 106 33.64 9.45 5.79
CA GLU B 106 34.48 9.77 4.64
C GLU B 106 35.04 8.52 3.97
N LEU B 107 34.23 7.46 3.98
CA LEU B 107 34.60 6.19 3.36
C LEU B 107 33.86 5.94 2.05
N LEU B 108 32.67 6.53 1.91
CA LEU B 108 31.76 6.15 0.82
C LEU B 108 32.32 6.45 -0.57
N ARG B 109 32.37 5.41 -1.40
CA ARG B 109 32.79 5.54 -2.80
C ARG B 109 31.77 4.93 -3.77
N ARG B 110 31.13 3.85 -3.35
CA ARG B 110 30.42 2.98 -4.28
C ARG B 110 29.17 2.34 -3.66
N PHE B 111 28.13 2.23 -4.49
CA PHE B 111 26.89 1.55 -4.12
C PHE B 111 26.52 0.54 -5.20
N ILE B 112 26.21 -0.68 -4.75
CA ILE B 112 25.94 -1.80 -5.64
C ILE B 112 24.64 -2.47 -5.22
N PRO B 113 23.51 -1.94 -5.72
CA PRO B 113 22.22 -2.58 -5.45
C PRO B 113 22.06 -3.82 -6.35
N PHE B 114 21.51 -4.88 -5.78
CA PHE B 114 21.34 -6.16 -6.47
C PHE B 114 19.89 -6.61 -6.31
N ASP B 115 19.18 -6.78 -7.42
CA ASP B 115 17.74 -7.04 -7.36
C ASP B 115 17.22 -7.56 -8.70
N VAL B 116 15.99 -8.08 -8.72
CA VAL B 116 15.46 -8.73 -9.93
C VAL B 116 14.71 -7.78 -10.87
N ASP B 117 14.42 -6.57 -10.42
CA ASP B 117 13.62 -5.63 -11.20
C ASP B 117 14.45 -4.45 -11.69
N ALA B 118 14.72 -4.42 -12.99
CA ALA B 118 15.58 -3.39 -13.57
C ALA B 118 14.98 -1.99 -13.41
N GLY B 119 13.66 -1.89 -13.50
CA GLY B 119 13.01 -0.60 -13.36
C GLY B 119 13.22 -0.01 -11.99
N VAL B 120 13.10 -0.87 -10.97
CA VAL B 120 13.30 -0.45 -9.60
C VAL B 120 14.73 0.02 -9.41
N LEU B 121 15.68 -0.74 -9.99
CA LEU B 121 17.09 -0.39 -9.91
C LEU B 121 17.40 0.95 -10.60
N ARG B 122 16.74 1.24 -11.71
CA ARG B 122 16.96 2.51 -12.39
C ARG B 122 16.47 3.67 -11.51
N SER B 123 15.30 3.50 -10.90
CA SER B 123 14.74 4.53 -10.03
C SER B 123 15.60 4.74 -8.79
N ALA B 124 16.01 3.64 -8.17
CA ALA B 124 16.82 3.70 -6.95
C ALA B 124 18.19 4.31 -7.23
N GLY B 125 18.80 3.91 -8.34
CA GLY B 125 20.10 4.44 -8.72
C GLY B 125 20.06 5.94 -8.99
N ALA B 126 19.00 6.40 -9.64
CA ALA B 126 18.84 7.82 -9.91
C ALA B 126 18.76 8.60 -8.61
N ALA B 127 18.03 8.08 -7.64
CA ALA B 127 17.84 8.76 -6.37
C ALA B 127 19.16 8.85 -5.60
N ILE B 128 19.84 7.71 -5.48
CA ILE B 128 21.12 7.66 -4.75
C ILE B 128 22.18 8.52 -5.44
N GLY B 129 22.22 8.47 -6.77
CA GLY B 129 23.16 9.27 -7.54
C GLY B 129 22.99 10.75 -7.30
N ALA B 130 21.75 11.17 -7.04
CA ALA B 130 21.47 12.58 -6.78
C ALA B 130 21.74 12.94 -5.32
N GLU B 131 21.52 11.99 -4.42
CA GLU B 131 21.62 12.23 -3.00
C GLU B 131 23.07 12.18 -2.50
N TYR B 132 23.92 11.46 -3.24
CA TYR B 132 25.33 11.34 -2.90
C TYR B 132 26.21 11.67 -4.11
N PRO B 133 26.30 12.97 -4.46
CA PRO B 133 27.01 13.42 -5.67
C PRO B 133 28.40 12.80 -5.84
N GLY B 134 28.64 12.20 -7.00
CA GLY B 134 29.94 11.66 -7.33
C GLY B 134 30.06 10.18 -7.04
N ILE B 135 29.09 9.63 -6.32
CA ILE B 135 29.11 8.22 -5.96
C ILE B 135 29.11 7.35 -7.22
N GLU B 136 29.83 6.24 -7.16
CA GLU B 136 29.78 5.26 -8.23
C GLU B 136 28.65 4.28 -7.96
N ILE B 137 27.76 4.14 -8.92
CA ILE B 137 26.65 3.19 -8.81
C ILE B 137 26.82 2.10 -9.86
N ASP B 138 26.92 0.87 -9.38
CA ASP B 138 26.99 -0.31 -10.24
C ASP B 138 25.82 -1.24 -9.90
N ALA B 139 24.67 -0.99 -10.50
CA ALA B 139 23.50 -1.82 -10.24
C ALA B 139 23.60 -3.14 -11.00
N VAL B 140 23.09 -4.20 -10.36
CA VAL B 140 23.09 -5.54 -10.94
C VAL B 140 21.69 -6.10 -10.89
N CYS B 141 21.10 -6.31 -12.06
CA CYS B 141 19.82 -6.99 -12.15
C CYS B 141 20.08 -8.49 -12.28
N GLY B 142 19.77 -9.23 -11.23
CA GLY B 142 19.98 -10.66 -11.22
C GLY B 142 19.28 -11.35 -10.05
N ASP B 143 19.26 -12.68 -10.11
CA ASP B 143 18.69 -13.52 -9.07
C ASP B 143 19.74 -13.81 -8.00
N PHE B 144 19.43 -13.54 -6.72
CA PHE B 144 20.47 -13.65 -5.68
C PHE B 144 20.75 -15.12 -5.32
N GLU B 145 20.12 -16.04 -6.03
CA GLU B 145 20.41 -17.46 -5.92
C GLU B 145 21.07 -17.98 -7.20
N GLU B 146 21.62 -17.06 -8.00
CA GLU B 146 22.19 -17.44 -9.29
C GLU B 146 23.32 -16.53 -9.79
N HIS B 147 23.19 -15.23 -9.57
CA HIS B 147 24.11 -14.25 -10.14
C HIS B 147 24.94 -13.48 -9.12
N LEU B 148 25.10 -14.03 -7.92
CA LEU B 148 25.90 -13.35 -6.90
C LEU B 148 27.31 -13.12 -7.41
N GLY B 149 27.79 -14.02 -8.27
CA GLY B 149 29.12 -13.92 -8.84
C GLY B 149 29.29 -12.73 -9.75
N LYS B 150 28.18 -12.13 -10.18
CA LYS B 150 28.23 -10.97 -11.06
C LYS B 150 28.44 -9.68 -10.28
N ILE B 151 28.35 -9.75 -8.96
CA ILE B 151 28.62 -8.58 -8.13
C ILE B 151 30.10 -8.21 -8.25
N PRO B 152 30.40 -6.96 -8.64
CA PRO B 152 31.81 -6.54 -8.82
C PRO B 152 32.68 -6.77 -7.59
N HIS B 153 33.88 -7.33 -7.82
CA HIS B 153 34.87 -7.49 -6.76
C HIS B 153 35.76 -6.26 -6.76
N VAL B 154 35.35 -5.25 -6.00
CA VAL B 154 36.05 -3.97 -6.00
C VAL B 154 35.97 -3.32 -4.62
N GLY B 155 37.03 -2.60 -4.24
CA GLY B 155 37.10 -1.93 -2.96
C GLY B 155 37.01 -2.90 -1.80
N ARG B 156 36.62 -2.39 -0.64
CA ARG B 156 36.30 -3.22 0.51
C ARG B 156 34.79 -3.14 0.68
N ARG B 157 34.13 -4.29 0.66
CA ARG B 157 32.69 -4.32 0.50
C ARG B 157 31.95 -4.75 1.77
N LEU B 158 30.91 -3.99 2.09
CA LEU B 158 29.92 -4.35 3.10
C LEU B 158 28.66 -4.80 2.37
N VAL B 159 28.35 -6.09 2.48
CA VAL B 159 27.16 -6.66 1.86
C VAL B 159 26.05 -6.70 2.89
N VAL B 160 24.86 -6.21 2.55
CA VAL B 160 23.76 -6.21 3.50
C VAL B 160 22.58 -7.01 2.96
N PHE B 161 22.04 -7.86 3.83
CA PHE B 161 20.91 -8.72 3.52
C PHE B 161 19.96 -8.66 4.71
N LEU B 162 19.01 -7.73 4.62
CA LEU B 162 18.20 -7.34 5.76
C LEU B 162 16.78 -7.94 5.72
N GLY B 163 16.04 -7.70 6.79
CA GLY B 163 14.62 -8.01 6.82
C GLY B 163 14.28 -9.46 7.14
N SER B 164 15.30 -10.23 7.49
CA SER B 164 15.16 -11.65 7.75
C SER B 164 14.73 -12.40 6.48
N THR B 165 15.11 -11.85 5.33
CA THR B 165 14.88 -12.50 4.04
C THR B 165 15.56 -13.87 4.03
N ILE B 166 16.67 -13.96 4.75
CA ILE B 166 17.41 -15.21 4.88
C ILE B 166 16.52 -16.32 5.46
N GLY B 167 15.53 -15.92 6.25
CA GLY B 167 14.61 -16.85 6.86
C GLY B 167 13.57 -17.43 5.92
N ASN B 168 13.48 -16.88 4.71
CA ASN B 168 12.53 -17.42 3.73
C ASN B 168 13.11 -18.59 2.94
N LEU B 169 14.35 -18.95 3.27
CA LEU B 169 14.98 -20.17 2.76
C LEU B 169 15.00 -21.23 3.83
N THR B 170 14.59 -22.45 3.46
CA THR B 170 14.69 -23.59 4.37
C THR B 170 16.18 -23.92 4.56
N PRO B 171 16.49 -24.72 5.59
CA PRO B 171 17.89 -24.93 5.98
C PRO B 171 18.85 -25.31 4.85
N ALA B 172 18.44 -26.15 3.91
CA ALA B 172 19.36 -26.61 2.88
C ALA B 172 19.67 -25.49 1.86
N PRO B 173 18.63 -24.88 1.24
CA PRO B 173 18.98 -23.77 0.35
C PRO B 173 19.65 -22.60 1.07
N ARG B 174 19.33 -22.41 2.34
CA ARG B 174 19.91 -21.32 3.11
C ARG B 174 21.42 -21.48 3.26
N ALA B 175 21.85 -22.69 3.60
CA ALA B 175 23.27 -22.98 3.75
C ALA B 175 23.99 -22.79 2.42
N GLU B 176 23.34 -23.21 1.35
CA GLU B 176 23.91 -23.08 0.02
C GLU B 176 24.07 -21.60 -0.33
N PHE B 177 23.06 -20.80 -0.02
CA PHE B 177 23.11 -19.36 -0.28
C PHE B 177 24.25 -18.69 0.48
N LEU B 178 24.32 -18.93 1.78
CA LEU B 178 25.35 -18.32 2.61
C LEU B 178 26.75 -18.73 2.17
N SER B 179 26.89 -20.00 1.80
N SER B 179 26.89 -20.00 1.79
CA SER B 179 28.17 -20.52 1.35
CA SER B 179 28.18 -20.53 1.35
C SER B 179 28.58 -19.84 0.05
C SER B 179 28.60 -19.91 0.03
N THR B 180 27.64 -19.76 -0.88
CA THR B 180 27.89 -19.14 -2.17
C THR B 180 28.27 -17.67 -1.99
N LEU B 181 27.47 -16.94 -1.20
CA LEU B 181 27.75 -15.55 -0.92
C LEU B 181 29.12 -15.37 -0.29
N ALA B 182 29.42 -16.20 0.72
CA ALA B 182 30.71 -16.13 1.40
C ALA B 182 31.87 -16.29 0.41
N ASP B 183 31.69 -17.18 -0.57
CA ASP B 183 32.74 -17.48 -1.54
C ASP B 183 33.03 -16.29 -2.47
N THR B 184 32.08 -15.38 -2.62
CA THR B 184 32.25 -14.20 -3.47
C THR B 184 32.93 -13.06 -2.71
N LEU B 185 33.10 -13.25 -1.41
CA LEU B 185 33.72 -12.23 -0.56
C LEU B 185 35.23 -12.44 -0.47
N GLN B 186 35.96 -11.33 -0.49
CA GLN B 186 37.40 -11.35 -0.27
C GLN B 186 37.69 -11.13 1.20
N PRO B 187 38.89 -11.53 1.65
CA PRO B 187 39.28 -11.25 3.04
C PRO B 187 39.11 -9.77 3.38
N GLY B 188 38.47 -9.48 4.50
CA GLY B 188 38.26 -8.10 4.91
C GLY B 188 36.87 -7.58 4.56
N ASP B 189 36.17 -8.25 3.63
CA ASP B 189 34.77 -7.91 3.34
C ASP B 189 33.90 -8.33 4.50
N SER B 190 32.71 -7.72 4.60
CA SER B 190 31.79 -7.99 5.71
C SER B 190 30.38 -8.26 5.20
N LEU B 191 29.62 -9.02 5.99
CA LEU B 191 28.21 -9.26 5.74
C LEU B 191 27.38 -8.74 6.91
N LEU B 192 26.38 -7.92 6.61
CA LEU B 192 25.41 -7.46 7.60
C LEU B 192 24.11 -8.21 7.39
N LEU B 193 23.73 -9.03 8.37
CA LEU B 193 22.62 -9.95 8.21
C LEU B 193 21.53 -9.74 9.26
N GLY B 194 20.30 -9.54 8.80
CA GLY B 194 19.15 -9.38 9.69
C GLY B 194 18.43 -10.69 9.87
N THR B 195 18.20 -11.07 11.13
CA THR B 195 17.53 -12.32 11.48
C THR B 195 16.47 -12.10 12.55
N ASP B 196 15.23 -12.45 12.23
CA ASP B 196 14.16 -12.39 13.21
C ASP B 196 14.32 -13.55 14.21
N LEU B 197 14.00 -13.31 15.48
CA LEU B 197 14.28 -14.28 16.54
C LEU B 197 13.04 -14.99 17.07
N VAL B 198 13.24 -16.21 17.55
CA VAL B 198 12.17 -16.94 18.23
C VAL B 198 11.66 -16.09 19.37
N LYS B 199 10.35 -16.15 19.57
CA LYS B 199 9.67 -15.35 20.57
C LYS B 199 8.31 -15.97 20.82
N ASP B 200 7.48 -15.26 21.58
CA ASP B 200 6.12 -15.71 21.87
C ASP B 200 5.41 -16.11 20.57
N THR B 201 4.87 -17.33 20.56
CA THR B 201 4.31 -17.90 19.35
C THR B 201 3.03 -17.19 18.91
N GLY B 202 2.28 -16.67 19.88
CA GLY B 202 1.12 -15.86 19.57
C GLY B 202 1.50 -14.64 18.76
N ARG B 203 2.54 -13.95 19.21
CA ARG B 203 3.03 -12.77 18.53
C ARG B 203 3.48 -13.10 17.11
N LEU B 204 4.10 -14.26 16.97
CA LEU B 204 4.60 -14.69 15.66
C LEU B 204 3.46 -14.98 14.70
N VAL B 205 2.45 -15.72 15.13
CA VAL B 205 1.33 -16.05 14.25
C VAL B 205 0.60 -14.79 13.84
N ARG B 206 0.38 -13.89 14.79
CA ARG B 206 -0.34 -12.65 14.53
C ARG B 206 0.41 -11.78 13.52
N ALA B 207 1.74 -11.86 13.55
CA ALA B 207 2.56 -11.09 12.61
C ALA B 207 2.32 -11.54 11.17
N TYR B 208 1.85 -12.77 10.99
CA TYR B 208 1.63 -13.34 9.66
C TYR B 208 0.15 -13.65 9.42
N ASP B 209 -0.69 -13.11 10.28
CA ASP B 209 -2.14 -13.17 10.09
C ASP B 209 -2.74 -12.01 10.87
N ASP B 210 -2.50 -10.81 10.36
CA ASP B 210 -2.91 -9.60 11.03
C ASP B 210 -4.43 -9.48 11.05
N ALA B 211 -4.92 -8.69 12.00
CA ALA B 211 -6.35 -8.55 12.23
C ALA B 211 -7.08 -7.96 11.04
N ALA B 212 -6.39 -7.13 10.27
CA ALA B 212 -7.03 -6.41 9.16
C ALA B 212 -7.09 -7.25 7.88
N GLY B 213 -6.44 -8.41 7.87
CA GLY B 213 -6.51 -9.30 6.72
C GLY B 213 -5.60 -8.90 5.57
N VAL B 214 -4.64 -8.02 5.82
CA VAL B 214 -3.73 -7.58 4.77
C VAL B 214 -2.81 -8.72 4.33
N THR B 215 -2.28 -9.47 5.30
CA THR B 215 -1.40 -10.59 4.95
C THR B 215 -2.17 -11.65 4.17
N ALA B 216 -3.43 -11.87 4.53
CA ALA B 216 -4.29 -12.80 3.81
C ALA B 216 -4.40 -12.41 2.33
N ALA B 217 -4.59 -11.11 2.09
CA ALA B 217 -4.71 -10.60 0.74
C ALA B 217 -3.40 -10.80 -0.02
N PHE B 218 -2.31 -10.50 0.66
CA PHE B 218 -0.96 -10.67 0.13
C PHE B 218 -0.74 -12.13 -0.30
N ASN B 219 -1.16 -13.06 0.56
CA ASN B 219 -1.00 -14.48 0.29
C ASN B 219 -1.87 -14.92 -0.88
N ARG B 220 -3.15 -14.58 -0.85
CA ARG B 220 -4.07 -15.00 -1.92
C ARG B 220 -3.69 -14.39 -3.26
N ASN B 221 -2.98 -13.27 -3.25
CA ASN B 221 -2.65 -12.59 -4.50
C ASN B 221 -1.74 -13.42 -5.40
N VAL B 222 -1.02 -14.39 -4.83
CA VAL B 222 -0.20 -15.27 -5.67
C VAL B 222 -1.11 -16.04 -6.63
N LEU B 223 -2.35 -16.30 -6.22
CA LEU B 223 -3.31 -16.98 -7.09
C LEU B 223 -3.75 -16.05 -8.22
N ALA B 224 -3.83 -14.76 -7.92
CA ALA B 224 -4.17 -13.77 -8.95
C ALA B 224 -3.02 -13.65 -9.96
N VAL B 225 -1.79 -13.74 -9.46
CA VAL B 225 -0.62 -13.74 -10.34
C VAL B 225 -0.69 -14.93 -11.29
N VAL B 226 -0.92 -16.12 -10.75
CA VAL B 226 -1.01 -17.31 -11.59
C VAL B 226 -2.19 -17.19 -12.56
N ASN B 227 -3.34 -16.73 -12.07
CA ASN B 227 -4.52 -16.54 -12.91
C ASN B 227 -4.21 -15.67 -14.13
N ARG B 228 -3.57 -14.53 -13.88
CA ARG B 228 -3.27 -13.57 -14.93
C ARG B 228 -2.18 -14.07 -15.88
N GLU B 229 -1.06 -14.49 -15.32
CA GLU B 229 0.12 -14.79 -16.13
C GLU B 229 -0.01 -16.12 -16.87
N LEU B 230 -0.76 -17.06 -16.30
CA LEU B 230 -0.88 -18.39 -16.90
C LEU B 230 -2.31 -18.75 -17.29
N SER B 231 -3.18 -17.75 -17.31
CA SER B 231 -4.58 -17.94 -17.69
C SER B 231 -5.25 -19.07 -16.89
N ALA B 232 -5.16 -18.96 -15.57
CA ALA B 232 -5.77 -19.94 -14.66
C ALA B 232 -7.06 -19.39 -14.07
N ASP B 233 -7.83 -20.25 -13.40
CA ASP B 233 -9.13 -19.85 -12.87
C ASP B 233 -9.29 -20.16 -11.39
N PHE B 234 -8.26 -19.87 -10.60
CA PHE B 234 -8.38 -19.89 -9.15
C PHE B 234 -9.51 -18.96 -8.70
N ASP B 235 -10.39 -19.49 -7.85
CA ASP B 235 -11.38 -18.67 -7.17
C ASP B 235 -10.76 -18.21 -5.86
N LEU B 236 -10.31 -16.96 -5.80
CA LEU B 236 -9.60 -16.47 -4.62
C LEU B 236 -10.47 -16.53 -3.37
N ASP B 237 -11.77 -16.39 -3.55
CA ASP B 237 -12.68 -16.41 -2.41
C ASP B 237 -12.80 -17.80 -1.79
N ALA B 238 -12.35 -18.82 -2.52
CA ALA B 238 -12.49 -20.21 -2.09
C ALA B 238 -11.30 -20.68 -1.25
N PHE B 239 -10.32 -19.81 -1.03
CA PHE B 239 -9.11 -20.18 -0.29
C PHE B 239 -8.93 -19.35 0.98
N GLU B 240 -8.77 -20.05 2.10
CA GLU B 240 -8.57 -19.41 3.39
C GLU B 240 -7.08 -19.23 3.67
N HIS B 241 -6.73 -18.07 4.20
CA HIS B 241 -5.36 -17.79 4.66
C HIS B 241 -5.11 -18.45 6.01
N VAL B 242 -4.03 -19.25 6.09
CA VAL B 242 -3.65 -19.89 7.34
C VAL B 242 -2.18 -19.64 7.64
N ALA B 243 -1.90 -19.11 8.83
CA ALA B 243 -0.54 -18.96 9.32
C ALA B 243 -0.31 -19.93 10.47
N LYS B 244 0.68 -20.81 10.31
CA LYS B 244 1.00 -21.82 11.33
C LYS B 244 2.38 -21.61 11.93
N TRP B 245 2.53 -21.96 13.20
CA TRP B 245 3.85 -22.04 13.82
C TRP B 245 4.29 -23.50 13.84
N ASN B 246 5.37 -23.79 13.15
CA ASN B 246 5.97 -25.12 13.15
C ASN B 246 7.04 -25.16 14.23
N SER B 247 6.73 -25.76 15.37
CA SER B 247 7.64 -25.73 16.51
C SER B 247 8.82 -26.68 16.30
N ASP B 248 8.63 -27.73 15.51
CA ASP B 248 9.72 -28.62 15.17
C ASP B 248 10.81 -27.87 14.40
N GLU B 249 10.41 -27.14 13.37
CA GLU B 249 11.36 -26.43 12.52
C GLU B 249 11.56 -24.98 12.99
N GLU B 250 10.81 -24.58 14.02
CA GLU B 250 10.81 -23.21 14.53
C GLU B 250 10.68 -22.20 13.39
N ARG B 251 9.59 -22.30 12.65
CA ARG B 251 9.30 -21.39 11.56
C ARG B 251 7.82 -21.14 11.45
N ILE B 252 7.47 -19.94 11.01
CA ILE B 252 6.12 -19.62 10.60
C ILE B 252 5.94 -20.17 9.18
N GLU B 253 4.74 -20.66 8.90
CA GLU B 253 4.39 -21.14 7.58
C GLU B 253 3.08 -20.47 7.16
N MET B 254 3.02 -20.01 5.92
CA MET B 254 1.78 -19.51 5.33
C MET B 254 1.20 -20.55 4.39
N TRP B 255 -0.08 -20.82 4.55
CA TRP B 255 -0.78 -21.80 3.73
C TRP B 255 -2.03 -21.18 3.14
N LEU B 256 -2.47 -21.73 2.01
CA LEU B 256 -3.78 -21.45 1.47
C LEU B 256 -4.60 -22.73 1.55
N ARG B 257 -5.78 -22.65 2.16
CA ARG B 257 -6.62 -23.81 2.41
C ARG B 257 -7.92 -23.68 1.65
N ALA B 258 -8.22 -24.69 0.83
CA ALA B 258 -9.47 -24.71 0.07
C ALA B 258 -10.66 -24.96 0.99
N ARG B 259 -11.63 -24.03 0.97
CA ARG B 259 -12.87 -24.17 1.72
C ARG B 259 -13.66 -25.41 1.33
N THR B 260 -13.79 -25.59 0.03
CA THR B 260 -14.53 -26.69 -0.57
C THR B 260 -13.67 -27.25 -1.69
N ALA B 261 -14.09 -28.36 -2.28
CA ALA B 261 -13.32 -28.94 -3.37
C ALA B 261 -13.26 -27.95 -4.54
N GLN B 262 -12.07 -27.84 -5.15
CA GLN B 262 -11.84 -26.92 -6.26
C GLN B 262 -11.13 -27.62 -7.41
N HIS B 263 -11.62 -27.37 -8.63
CA HIS B 263 -10.95 -27.82 -9.84
C HIS B 263 -10.39 -26.60 -10.54
N VAL B 264 -9.06 -26.61 -10.73
CA VAL B 264 -8.36 -25.47 -11.33
C VAL B 264 -7.72 -25.88 -12.64
N ARG B 265 -7.98 -25.10 -13.69
CA ARG B 265 -7.29 -25.25 -14.96
C ARG B 265 -6.30 -24.13 -15.12
N VAL B 266 -5.04 -24.48 -15.37
CA VAL B 266 -4.00 -23.53 -15.72
C VAL B 266 -3.77 -23.65 -17.23
N ALA B 267 -4.49 -22.85 -18.01
CA ALA B 267 -4.57 -23.03 -19.46
C ALA B 267 -3.23 -22.94 -20.17
N ALA B 268 -2.37 -22.04 -19.73
CA ALA B 268 -1.07 -21.83 -20.36
C ALA B 268 -0.17 -23.05 -20.19
N LEU B 269 -0.47 -23.88 -19.20
CA LEU B 269 0.28 -25.11 -18.95
C LEU B 269 -0.47 -26.33 -19.45
N ASP B 270 -1.67 -26.11 -19.98
CA ASP B 270 -2.58 -27.20 -20.33
C ASP B 270 -2.65 -28.15 -19.15
N LEU B 271 -2.80 -27.56 -17.97
CA LEU B 271 -2.75 -28.30 -16.71
C LEU B 271 -4.05 -28.16 -15.94
N GLU B 272 -4.52 -29.28 -15.39
CA GLU B 272 -5.69 -29.27 -14.53
C GLU B 272 -5.36 -29.99 -13.23
N VAL B 273 -5.71 -29.37 -12.12
CA VAL B 273 -5.46 -29.96 -10.81
C VAL B 273 -6.69 -29.83 -9.93
N ASP B 274 -6.74 -30.62 -8.86
CA ASP B 274 -7.86 -30.60 -7.94
C ASP B 274 -7.39 -30.35 -6.51
N PHE B 275 -8.18 -29.57 -5.79
CA PHE B 275 -7.99 -29.38 -4.36
C PHE B 275 -9.12 -30.08 -3.65
N ALA B 276 -8.80 -31.02 -2.78
CA ALA B 276 -9.80 -31.62 -1.91
C ALA B 276 -10.27 -30.55 -0.94
N ALA B 277 -11.49 -30.69 -0.44
CA ALA B 277 -11.98 -29.75 0.56
C ALA B 277 -11.08 -29.82 1.79
N GLY B 278 -10.54 -28.67 2.18
CA GLY B 278 -9.65 -28.61 3.34
C GLY B 278 -8.19 -28.82 2.98
N GLU B 279 -7.90 -29.09 1.70
CA GLU B 279 -6.52 -29.28 1.28
C GLU B 279 -5.75 -27.98 1.36
N GLU B 280 -4.52 -28.06 1.87
CA GLU B 280 -3.69 -26.89 2.09
C GLU B 280 -2.50 -26.86 1.14
N MET B 281 -2.15 -25.65 0.70
CA MET B 281 -1.02 -25.43 -0.20
C MET B 281 -0.02 -24.49 0.45
N LEU B 282 1.23 -24.91 0.55
CA LEU B 282 2.27 -24.11 1.19
C LEU B 282 2.78 -23.00 0.28
N THR B 283 2.79 -21.76 0.77
CA THR B 283 3.19 -20.62 -0.05
C THR B 283 4.39 -19.87 0.50
N GLU B 284 4.76 -20.11 1.75
CA GLU B 284 5.93 -19.44 2.33
C GLU B 284 6.32 -20.00 3.68
N VAL B 285 7.62 -20.06 3.95
CA VAL B 285 8.12 -20.30 5.29
C VAL B 285 8.88 -19.08 5.75
N SER B 286 8.86 -18.85 7.05
CA SER B 286 9.57 -17.73 7.66
C SER B 286 10.27 -18.24 8.91
N CYS B 287 11.50 -18.70 8.74
CA CYS B 287 12.25 -19.32 9.81
C CYS B 287 12.66 -18.28 10.85
N LYS B 288 12.55 -18.65 12.12
CA LYS B 288 12.92 -17.77 13.22
C LYS B 288 14.12 -18.38 13.92
N PHE B 289 15.05 -17.52 14.34
CA PHE B 289 16.39 -17.95 14.74
C PHE B 289 16.66 -17.82 16.23
N ARG B 290 17.60 -18.64 16.68
CA ARG B 290 18.21 -18.48 18.00
C ARG B 290 19.60 -17.87 17.79
N PRO B 291 20.02 -16.95 18.67
CA PRO B 291 21.30 -16.26 18.50
C PRO B 291 22.50 -17.19 18.28
N GLU B 292 22.60 -18.24 19.07
CA GLU B 292 23.72 -19.17 18.95
C GLU B 292 23.76 -19.86 17.58
N ASN B 293 22.59 -20.08 16.99
CA ASN B 293 22.51 -20.78 15.70
C ASN B 293 22.88 -19.87 14.54
N VAL B 294 22.65 -18.57 14.71
CA VAL B 294 23.05 -17.61 13.69
C VAL B 294 24.57 -17.61 13.57
N VAL B 295 25.25 -17.63 14.71
CA VAL B 295 26.71 -17.66 14.70
C VAL B 295 27.21 -18.90 13.98
N ALA B 296 26.59 -20.03 14.28
CA ALA B 296 27.01 -21.32 13.74
C ALA B 296 26.78 -21.42 12.23
N GLU B 297 25.62 -20.96 11.77
CA GLU B 297 25.33 -20.98 10.34
C GLU B 297 26.30 -20.10 9.58
N LEU B 298 26.65 -18.95 10.14
CA LEU B 298 27.64 -18.07 9.53
C LEU B 298 29.01 -18.73 9.47
N ALA B 299 29.42 -19.36 10.58
CA ALA B 299 30.72 -20.02 10.66
C ALA B 299 30.82 -21.16 9.65
N GLU B 300 29.74 -21.92 9.50
CA GLU B 300 29.68 -23.01 8.53
C GLU B 300 29.90 -22.50 7.12
N ALA B 301 29.44 -21.29 6.85
CA ALA B 301 29.56 -20.68 5.54
C ALA B 301 30.95 -20.05 5.35
N GLY B 302 31.73 -19.96 6.42
CA GLY B 302 33.07 -19.40 6.34
C GLY B 302 33.13 -17.94 6.73
N LEU B 303 32.19 -17.51 7.55
CA LEU B 303 32.11 -16.12 8.00
C LEU B 303 32.11 -16.06 9.52
N ARG B 304 32.94 -15.19 10.08
CA ARG B 304 33.07 -15.04 11.51
C ARG B 304 32.29 -13.84 12.01
N GLN B 305 31.29 -14.07 12.85
CA GLN B 305 30.54 -12.98 13.45
C GLN B 305 31.43 -12.15 14.36
N THR B 306 31.47 -10.84 14.12
CA THR B 306 32.25 -9.93 14.95
C THR B 306 31.34 -9.08 15.84
N HIS B 307 30.12 -8.83 15.39
CA HIS B 307 29.16 -8.05 16.17
C HIS B 307 27.75 -8.64 16.10
N TRP B 308 27.03 -8.49 17.21
CA TRP B 308 25.64 -8.91 17.32
C TRP B 308 24.87 -7.86 18.10
N TRP B 309 23.81 -7.33 17.49
CA TRP B 309 22.96 -6.34 18.15
C TRP B 309 21.49 -6.74 18.06
N THR B 310 20.79 -6.59 19.16
CA THR B 310 19.34 -6.72 19.15
C THR B 310 18.72 -5.39 19.56
N ASP B 311 17.42 -5.30 19.34
CA ASP B 311 16.60 -4.25 19.91
C ASP B 311 16.49 -4.48 21.42
N PRO B 312 15.96 -3.49 22.16
CA PRO B 312 15.89 -3.63 23.62
C PRO B 312 15.01 -4.77 24.11
N ALA B 313 14.07 -5.23 23.30
CA ALA B 313 13.18 -6.33 23.69
C ALA B 313 13.74 -7.69 23.30
N GLY B 314 14.80 -7.69 22.48
CA GLY B 314 15.37 -8.92 21.98
C GLY B 314 14.48 -9.61 20.96
N ASP B 315 13.76 -8.81 20.18
CA ASP B 315 12.85 -9.34 19.15
C ASP B 315 13.57 -9.72 17.85
N PHE B 316 14.65 -9.02 17.54
CA PHE B 316 15.27 -9.08 16.22
C PHE B 316 16.77 -8.88 16.38
N GLY B 317 17.54 -9.57 15.55
CA GLY B 317 18.99 -9.51 15.63
C GLY B 317 19.64 -9.08 14.34
N LEU B 318 20.73 -8.34 14.49
CA LEU B 318 21.56 -7.90 13.38
C LEU B 318 22.97 -8.44 13.60
N SER B 319 23.50 -9.18 12.63
CA SER B 319 24.87 -9.69 12.70
C SER B 319 25.79 -8.99 11.72
N LEU B 320 26.99 -8.66 12.18
CA LEU B 320 28.09 -8.31 11.29
C LEU B 320 29.10 -9.44 11.33
N ALA B 321 29.46 -9.95 10.16
CA ALA B 321 30.41 -11.05 10.05
C ALA B 321 31.45 -10.73 8.98
N VAL B 322 32.68 -11.17 9.23
CA VAL B 322 33.79 -10.84 8.34
C VAL B 322 34.28 -12.10 7.63
N ARG B 323 34.73 -11.91 6.39
CA ARG B 323 35.36 -12.96 5.61
C ARG B 323 36.86 -13.01 5.90
N DY8 C . -14.40 6.95 -3.32
C DY8 C . -15.10 5.28 -4.92
O DY8 C . -14.68 4.96 -6.02
CAG DY8 C . -14.04 7.88 -4.35
CAE DY8 C . -12.95 8.93 -4.13
OAL DY8 C . -12.29 8.81 -2.90
CAF DY8 C . -13.21 8.60 -1.88
CAH DY8 C . -13.83 7.23 -2.03
CA DY8 C . -14.12 5.62 -3.80
OXT DY8 C . -16.30 5.35 -4.71
CB DY8 C . -14.23 4.55 -2.71
CG DY8 C . -13.98 3.15 -3.23
CD2 DY8 C . -13.05 2.74 -4.17
NE2 DY8 C . -13.16 1.38 -4.31
CE1 DY8 C . -14.14 0.94 -3.48
ND1 DY8 C . -14.65 2.03 -2.80
H DY8 C . -15.32 7.01 -3.21
HAG DY8 C . -13.75 7.35 -5.13
HE4 DY8 C . -14.85 8.36 -4.60
HAE DY8 C . -13.37 9.82 -4.17
HE2 DY8 C . -12.30 8.87 -4.85
HE3 DY8 C . -13.91 9.28 -1.93
HAF DY8 C . -12.76 8.65 -1.01
HE5 DY8 C . -13.14 6.56 -1.86
HAH DY8 C . -14.52 7.13 -1.36
HA DY8 C . -13.21 5.60 -4.15
HB2 DY8 C . -15.14 4.59 -2.34
HB1 DY8 C . -13.59 4.75 -2.01
HD2 DY8 C . -12.42 3.33 -4.64
HE1 DY8 C . -14.44 0.00 -3.37
HD1 DY8 C . -15.32 2.02 -2.18
C1 GOL D . -13.13 6.05 16.05
O1 GOL D . -12.89 6.10 17.44
C2 GOL D . -11.98 5.33 15.37
O2 GOL D . -10.86 6.19 15.30
C3 GOL D . -12.36 4.85 13.97
H11 GOL D . -14.07 5.53 15.86
H12 GOL D . -13.23 7.07 15.65
HO1 GOL D . -13.61 6.62 17.88
H2 GOL D . -11.73 4.46 15.98
HO2 GOL D . -10.11 5.71 14.89
H31 GOL D . -13.18 4.13 14.05
H32 GOL D . -12.71 5.70 13.38
HO3 GOL D . -10.95 2.66 13.89
N DY8 E . 10.08 -11.51 4.19
C DY8 E . 8.85 -12.25 6.12
O DY8 E . 9.15 -13.43 6.10
CAG DY8 E . 10.99 -10.73 4.97
CAE DY8 E . 11.86 -9.65 4.34
OAL DY8 E . 11.46 -9.30 3.04
CAF DY8 E . 11.24 -10.44 2.26
CAH DY8 E . 10.03 -11.18 2.79
CA DY8 E . 8.79 -11.46 4.82
OXT DY8 E . 8.62 -11.71 7.18
CB DY8 E . 7.67 -12.07 3.98
CG DY8 E . 6.33 -11.94 4.66
CD2 DY8 E . 5.87 -10.86 5.39
NE2 DY8 E . 4.58 -11.16 5.82
CE1 DY8 E . 4.25 -12.39 5.36
ND1 DY8 E . 5.34 -12.88 4.63
H DY8 E . 10.36 -12.39 4.23
HAG DY8 E . 10.44 -10.28 5.66
HE4 DY8 E . 11.58 -11.35 5.43
HAE DY8 E . 12.78 -9.99 4.30
HE2 DY8 E . 11.84 -8.85 4.90
HE3 DY8 E . 12.02 -11.03 2.30
HAF DY8 E . 11.07 -10.17 1.33
HE5 DY8 E . 9.24 -10.60 2.64
HAH DY8 E . 9.91 -12.00 2.27
HA DY8 E . 8.56 -10.53 5.02
HB2 DY8 E . 7.87 -13.01 3.83
HB1 DY8 E . 7.65 -11.61 3.11
HD2 DY8 E . 6.35 -10.04 5.57
HE1 DY8 E . 3.40 -12.85 5.51
HD1 DY8 E . 5.38 -13.69 4.21
C1 GOL F . 5.28 -12.74 -12.56
O1 GOL F . 4.51 -11.68 -12.03
C2 GOL F . 5.56 -12.51 -14.05
O2 GOL F . 6.16 -11.24 -14.24
C3 GOL F . 6.50 -13.59 -14.57
O3 GOL F . 6.46 -13.61 -15.98
H11 GOL F . 6.22 -12.81 -12.02
H12 GOL F . 4.75 -13.69 -12.43
HO1 GOL F . 4.29 -11.88 -11.10
H2 GOL F . 4.61 -12.56 -14.59
HO2 GOL F . 7.02 -11.22 -13.76
H31 GOL F . 7.51 -13.39 -14.22
H32 GOL F . 6.19 -14.56 -14.18
HO3 GOL F . 7.35 -13.83 -16.33
#